data_7OOK
#
_entry.id   7OOK
#
_cell.length_a   116.750
_cell.length_b   122.750
_cell.length_c   126.320
_cell.angle_alpha   90.000
_cell.angle_beta   90.000
_cell.angle_gamma   90.000
#
_symmetry.space_group_name_H-M   'P 21 21 21'
#
loop_
_entity.id
_entity.type
_entity.pdbx_description
1 polymer 'Major capsid protein P3'
2 non-polymer 'SODIUM ION'
3 non-polymer (4S)-2-METHYL-2,4-PENTANEDIOL
4 non-polymer 3-(2-chloro-10H-phenothiazin-10-yl)-N,N-dimethylpropan-1-amine
5 non-polymer 'CHLORIDE ION'
6 water water
#
_entity_poly.entity_id   1
_entity_poly.type   'polypeptide(L)'
_entity_poly.pdbx_seq_one_letter_code
;MAQVQQLTPAQQAALRNQQAMAANLQARQIVLQQSYPVIQQVETQTFDPANRSVFDVTPANVGIVKGFLVKVTAAITNNH
ATEAVALTDFGPANLVQRVIYYDPDNQRHTETSGWHLHFVNTAKQGAPFLSSMVTDSPIKYGDVMNVIDAPATIAAGATG
ELTMYYWVPLAYSETDLTGAVLANVPQSKQRLKLEFANNNTAFAAVGANPLEAIYQGAGAADCEFEEISYTVYQSYLDQL
PVGQNGYILPLIDLSTLYNLENSAQAGLTPNVDFVVQYANLYRYLSTIAVFDNGGSFNAGTDINYLSQRTANFSDTRKLD
PKTWAAQTRRRIATDFPKGVYYCDNRDKPIYTLQYGNVGFVVNPKTVNQNARLLMGYEYFTSRTELVNAGTISTT
;
_entity_poly.pdbx_strand_id   C,B,A
#
loop_
_chem_comp.id
_chem_comp.type
_chem_comp.name
_chem_comp.formula
CL non-polymer 'CHLORIDE ION' 'Cl -1'
MPD non-polymer (4S)-2-METHYL-2,4-PENTANEDIOL 'C6 H14 O2'
NA non-polymer 'SODIUM ION' 'Na 1'
Z80 non-polymer 3-(2-chloro-10H-phenothiazin-10-yl)-N,N-dimethylpropan-1-amine 'C17 H19 Cl N2 S'
#
# COMPACT_ATOMS: atom_id res chain seq x y z
N GLN A 12 -2.52 37.23 -26.55
CA GLN A 12 -1.29 36.64 -26.01
C GLN A 12 -1.28 35.13 -26.27
N ALA A 13 -0.08 34.56 -26.38
CA ALA A 13 0.04 33.15 -26.68
C ALA A 13 -0.10 32.26 -25.44
N ALA A 14 0.14 32.82 -24.25
CA ALA A 14 -0.02 32.04 -23.03
C ALA A 14 -1.48 31.66 -22.80
N LEU A 15 -2.42 32.51 -23.19
CA LEU A 15 -3.83 32.15 -23.04
C LEU A 15 -4.20 31.04 -24.02
N ARG A 16 -3.73 31.13 -25.26
CA ARG A 16 -3.95 30.05 -26.21
C ARG A 16 -3.52 28.72 -25.63
N ASN A 17 -2.36 28.69 -24.95
CA ASN A 17 -1.92 27.47 -24.28
C ASN A 17 -2.92 27.03 -23.23
N GLN A 18 -3.31 27.94 -22.33
CA GLN A 18 -4.30 27.61 -21.32
C GLN A 18 -5.55 27.01 -21.95
N GLN A 19 -6.04 27.61 -23.03
CA GLN A 19 -7.22 27.09 -23.70
C GLN A 19 -6.95 25.70 -24.29
N ALA A 20 -5.81 25.53 -24.95
CA ALA A 20 -5.51 24.27 -25.60
C ALA A 20 -5.33 23.14 -24.59
N MET A 21 -4.79 23.44 -23.41
CA MET A 21 -4.63 22.40 -22.40
C MET A 21 -5.96 22.07 -21.72
N ALA A 22 -6.76 23.09 -21.42
CA ALA A 22 -8.09 22.84 -20.87
C ALA A 22 -8.92 21.97 -21.82
N ALA A 23 -8.83 22.24 -23.12
CA ALA A 23 -9.55 21.43 -24.09
C ALA A 23 -9.00 20.01 -24.13
N ASN A 24 -7.68 19.86 -24.07
CA ASN A 24 -7.09 18.52 -24.09
C ASN A 24 -7.55 17.72 -22.87
N LEU A 25 -7.49 18.32 -21.69
CA LEU A 25 -7.96 17.63 -20.48
C LEU A 25 -9.44 17.28 -20.59
N GLN A 26 -10.25 18.19 -21.13
CA GLN A 26 -11.67 17.91 -21.30
C GLN A 26 -11.87 16.71 -22.22
N ALA A 27 -11.16 16.69 -23.35
CA ALA A 27 -11.29 15.57 -24.29
C ALA A 27 -10.86 14.26 -23.64
N ARG A 28 -9.75 14.28 -22.90
CA ARG A 28 -9.31 13.08 -22.20
C ARG A 28 -10.40 12.54 -21.30
N GLN A 29 -11.00 13.41 -20.48
CA GLN A 29 -12.04 12.97 -19.56
C GLN A 29 -13.23 12.40 -20.31
N ILE A 30 -13.59 13.00 -21.45
CA ILE A 30 -14.71 12.49 -22.24
C ILE A 30 -14.37 11.12 -22.82
N VAL A 31 -13.15 10.97 -23.35
CA VAL A 31 -12.75 9.67 -23.91
C VAL A 31 -12.78 8.60 -22.81
N LEU A 32 -12.16 8.89 -21.67
CA LEU A 32 -12.13 7.91 -20.59
C LEU A 32 -13.53 7.58 -20.09
N GLN A 33 -14.43 8.56 -20.10
CA GLN A 33 -15.79 8.32 -19.62
C GLN A 33 -16.59 7.50 -20.62
N GLN A 34 -16.45 7.79 -21.90
CA GLN A 34 -17.30 7.20 -22.93
C GLN A 34 -16.67 6.00 -23.63
N SER A 35 -15.35 5.87 -23.59
CA SER A 35 -14.69 4.84 -24.37
C SER A 35 -14.85 3.46 -23.70
N TYR A 36 -14.39 2.44 -24.42
CA TYR A 36 -14.63 1.04 -24.08
C TYR A 36 -13.28 0.36 -23.84
N PRO A 37 -12.84 0.23 -22.59
CA PRO A 37 -11.48 -0.30 -22.35
C PRO A 37 -11.42 -1.79 -22.62
N VAL A 38 -10.40 -2.22 -23.36
CA VAL A 38 -10.26 -3.60 -23.78
C VAL A 38 -8.80 -4.03 -23.62
N ILE A 39 -8.60 -5.26 -23.16
CA ILE A 39 -7.30 -5.92 -23.21
C ILE A 39 -7.49 -7.25 -23.92
N GLN A 40 -6.68 -7.50 -24.95
CA GLN A 40 -6.92 -8.62 -25.85
C GLN A 40 -5.59 -9.18 -26.34
N GLN A 41 -5.50 -10.50 -26.41
CA GLN A 41 -4.29 -11.13 -26.95
C GLN A 41 -4.14 -10.77 -28.42
N VAL A 42 -2.90 -10.53 -28.83
CA VAL A 42 -2.61 -10.31 -30.25
C VAL A 42 -1.63 -11.34 -30.81
N GLU A 43 -0.83 -12.00 -29.99
CA GLU A 43 0.14 -12.96 -30.50
C GLU A 43 0.70 -13.79 -29.37
N THR A 44 0.85 -15.09 -29.62
CA THR A 44 1.54 -16.01 -28.72
C THR A 44 2.49 -16.86 -29.56
N GLN A 45 3.64 -17.20 -28.99
CA GLN A 45 4.62 -17.99 -29.72
C GLN A 45 5.55 -18.70 -28.74
N THR A 46 5.89 -19.94 -29.07
CA THR A 46 6.86 -20.73 -28.33
C THR A 46 8.04 -21.04 -29.25
N PHE A 47 9.25 -20.93 -28.72
CA PHE A 47 10.44 -21.04 -29.54
C PHE A 47 11.62 -21.44 -28.66
N ASP A 48 12.70 -21.88 -29.31
CA ASP A 48 13.97 -22.14 -28.64
C ASP A 48 14.91 -21.01 -28.98
N PRO A 49 15.43 -20.25 -28.01
CA PRO A 49 16.28 -19.10 -28.33
C PRO A 49 17.57 -19.48 -29.05
N ALA A 50 17.93 -20.76 -29.09
CA ALA A 50 19.07 -21.17 -29.88
C ALA A 50 18.81 -20.98 -31.37
N ASN A 51 17.54 -21.00 -31.78
CA ASN A 51 17.16 -20.82 -33.17
C ASN A 51 16.84 -19.37 -33.51
N ARG A 52 16.18 -18.65 -32.61
CA ARG A 52 15.75 -17.29 -32.88
C ARG A 52 15.40 -16.61 -31.56
N SER A 53 15.82 -15.35 -31.41
CA SER A 53 15.56 -14.61 -30.19
C SER A 53 15.02 -13.20 -30.41
N VAL A 54 14.84 -12.76 -31.66
CA VAL A 54 14.29 -11.45 -31.98
C VAL A 54 12.98 -11.64 -32.72
N PHE A 55 11.92 -10.99 -32.24
CA PHE A 55 10.58 -11.13 -32.80
C PHE A 55 9.97 -9.75 -32.99
N ASP A 56 9.36 -9.54 -34.16
N ASP A 56 9.34 -9.54 -34.14
CA ASP A 56 8.61 -8.32 -34.47
CA ASP A 56 8.63 -8.30 -34.45
C ASP A 56 7.13 -8.65 -34.34
C ASP A 56 7.13 -8.58 -34.39
N VAL A 57 6.48 -8.08 -33.34
CA VAL A 57 5.06 -8.27 -33.12
C VAL A 57 4.31 -7.12 -33.78
N THR A 58 3.21 -7.46 -34.46
CA THR A 58 2.38 -6.46 -35.13
C THR A 58 1.05 -6.34 -34.40
N PRO A 59 0.87 -5.33 -33.54
CA PRO A 59 -0.42 -5.16 -32.86
C PRO A 59 -1.53 -4.85 -33.86
N ALA A 60 -2.76 -4.91 -33.35
CA ALA A 60 -3.92 -4.55 -34.14
C ALA A 60 -4.12 -3.04 -34.13
N ASN A 61 -4.64 -2.52 -35.25
CA ASN A 61 -4.90 -1.09 -35.41
C ASN A 61 -6.34 -0.83 -35.01
N VAL A 62 -6.55 -0.50 -33.74
CA VAL A 62 -7.89 -0.25 -33.22
C VAL A 62 -7.80 0.82 -32.14
N GLY A 63 -8.71 1.80 -32.22
CA GLY A 63 -8.85 2.81 -31.18
C GLY A 63 -7.57 3.39 -30.66
N ILE A 64 -7.57 3.81 -29.39
CA ILE A 64 -6.41 4.40 -28.74
C ILE A 64 -5.67 3.30 -28.01
N VAL A 65 -4.41 3.08 -28.36
CA VAL A 65 -3.59 2.03 -27.76
C VAL A 65 -2.88 2.60 -26.54
N LYS A 66 -3.01 1.92 -25.41
CA LYS A 66 -2.43 2.38 -24.16
C LYS A 66 -1.14 1.67 -23.79
N GLY A 67 -0.98 0.41 -24.18
CA GLY A 67 0.23 -0.31 -23.84
C GLY A 67 0.08 -1.78 -24.14
N PHE A 68 1.13 -2.52 -23.77
CA PHE A 68 1.20 -3.95 -24.04
C PHE A 68 1.69 -4.69 -22.80
N LEU A 69 0.96 -5.73 -22.42
CA LEU A 69 1.40 -6.65 -21.38
C LEU A 69 2.08 -7.84 -22.05
N VAL A 70 3.35 -8.03 -21.74
CA VAL A 70 4.16 -9.09 -22.34
C VAL A 70 4.40 -10.15 -21.28
N LYS A 71 3.74 -11.29 -21.43
CA LYS A 71 3.96 -12.47 -20.58
C LYS A 71 5.07 -13.31 -21.19
N VAL A 72 6.05 -13.69 -20.37
CA VAL A 72 7.17 -14.50 -20.83
C VAL A 72 7.33 -15.66 -19.86
N THR A 73 7.31 -16.88 -20.39
CA THR A 73 7.62 -18.09 -19.64
C THR A 73 8.84 -18.75 -20.27
N ALA A 74 9.54 -19.55 -19.46
CA ALA A 74 10.75 -20.20 -19.93
C ALA A 74 11.03 -21.44 -19.10
N ALA A 75 11.68 -22.40 -19.74
CA ALA A 75 12.19 -23.61 -19.09
C ALA A 75 13.70 -23.63 -19.31
N ILE A 76 14.45 -23.74 -18.22
CA ILE A 76 15.91 -23.72 -18.25
C ILE A 76 16.40 -25.01 -17.60
N THR A 77 17.34 -25.68 -18.25
CA THR A 77 17.90 -26.93 -17.76
C THR A 77 19.38 -26.72 -17.45
N ASN A 78 19.80 -27.21 -16.28
CA ASN A 78 21.20 -27.24 -15.88
C ASN A 78 21.70 -28.67 -16.11
N ASN A 79 22.48 -28.88 -17.16
CA ASN A 79 23.01 -30.20 -17.48
C ASN A 79 24.43 -30.41 -16.95
N HIS A 80 24.96 -29.47 -16.16
CA HIS A 80 26.28 -29.66 -15.59
C HIS A 80 26.29 -30.89 -14.70
N ALA A 81 27.49 -31.44 -14.49
CA ALA A 81 27.61 -32.71 -13.78
C ALA A 81 27.31 -32.55 -12.30
N THR A 82 27.89 -31.54 -11.67
CA THR A 82 27.84 -31.41 -10.23
C THR A 82 27.40 -30.03 -9.75
N GLU A 83 27.79 -28.97 -10.44
CA GLU A 83 27.60 -27.62 -9.93
C GLU A 83 26.20 -27.09 -10.24
N ALA A 84 25.74 -26.17 -9.40
CA ALA A 84 24.44 -25.54 -9.56
C ALA A 84 24.60 -24.13 -10.09
N VAL A 85 23.47 -23.43 -10.23
CA VAL A 85 23.44 -22.03 -10.62
C VAL A 85 22.37 -21.34 -9.80
N ALA A 86 22.58 -20.04 -9.55
CA ALA A 86 21.69 -19.27 -8.70
C ALA A 86 21.27 -17.98 -9.40
N LEU A 87 20.07 -17.51 -9.05
CA LEU A 87 19.56 -16.27 -9.65
C LEU A 87 20.52 -15.11 -9.42
N THR A 88 20.66 -14.29 -10.46
CA THR A 88 21.33 -13.01 -10.34
C THR A 88 20.41 -12.01 -9.63
N ASP A 89 20.88 -10.79 -9.45
CA ASP A 89 20.06 -9.77 -8.79
C ASP A 89 18.80 -9.47 -9.61
N PHE A 90 18.93 -9.42 -10.94
CA PHE A 90 17.78 -9.09 -11.79
C PHE A 90 16.99 -10.32 -12.20
N GLY A 91 17.62 -11.50 -12.21
CA GLY A 91 16.92 -12.75 -12.45
C GLY A 91 16.03 -12.73 -13.68
N PRO A 92 14.75 -13.08 -13.50
CA PRO A 92 13.86 -13.23 -14.68
C PRO A 92 13.54 -11.92 -15.38
N ALA A 93 13.89 -10.76 -14.80
CA ALA A 93 13.72 -9.52 -15.54
C ALA A 93 14.64 -9.44 -16.75
N ASN A 94 15.63 -10.32 -16.85
CA ASN A 94 16.51 -10.36 -18.01
C ASN A 94 16.06 -11.37 -19.06
N LEU A 95 14.85 -11.94 -18.91
CA LEU A 95 14.31 -12.80 -19.95
C LEU A 95 14.13 -12.05 -21.26
N VAL A 96 13.73 -10.78 -21.17
CA VAL A 96 13.71 -9.88 -22.30
C VAL A 96 14.94 -8.98 -22.21
N GLN A 97 15.79 -9.03 -23.23
CA GLN A 97 16.96 -8.18 -23.26
C GLN A 97 16.61 -6.77 -23.73
N ARG A 98 15.75 -6.64 -24.73
CA ARG A 98 15.42 -5.33 -25.28
C ARG A 98 13.99 -5.32 -25.77
N VAL A 99 13.37 -4.16 -25.68
CA VAL A 99 12.03 -3.93 -26.22
C VAL A 99 12.04 -2.60 -26.94
N ILE A 100 11.41 -2.56 -28.12
CA ILE A 100 11.37 -1.36 -28.95
C ILE A 100 9.98 -1.25 -29.53
N TYR A 101 9.41 -0.05 -29.50
CA TYR A 101 8.10 0.20 -30.07
C TYR A 101 8.19 1.31 -31.12
N TYR A 102 7.51 1.09 -32.24
CA TYR A 102 7.33 2.11 -33.27
C TYR A 102 5.83 2.25 -33.52
N ASP A 103 5.37 3.50 -33.63
CA ASP A 103 3.94 3.76 -33.84
C ASP A 103 3.64 3.73 -35.34
N PRO A 104 2.38 3.84 -35.75
CA PRO A 104 2.07 3.76 -37.18
C PRO A 104 2.83 4.73 -38.07
N ASP A 105 3.20 5.90 -37.56
CA ASP A 105 4.04 6.84 -38.30
C ASP A 105 5.51 6.46 -38.25
N ASN A 106 5.82 5.27 -37.77
CA ASN A 106 7.19 4.80 -37.56
C ASN A 106 7.98 5.69 -36.61
N GLN A 107 7.31 6.49 -35.79
CA GLN A 107 7.98 7.24 -34.75
C GLN A 107 8.33 6.30 -33.60
N ARG A 108 9.57 6.38 -33.15
CA ARG A 108 10.06 5.48 -32.11
C ARG A 108 9.65 5.99 -30.73
N HIS A 109 9.08 5.10 -29.92
CA HIS A 109 8.78 5.43 -28.53
C HIS A 109 9.81 4.77 -27.61
N THR A 110 9.38 3.86 -26.75
CA THR A 110 10.30 3.21 -25.83
C THR A 110 11.33 2.38 -26.58
N GLU A 111 12.58 2.46 -26.13
CA GLU A 111 13.61 1.50 -26.52
C GLU A 111 14.51 1.35 -25.29
N THR A 112 14.37 0.24 -24.59
CA THR A 112 15.14 0.04 -23.37
C THR A 112 15.25 -1.44 -23.07
N SER A 113 16.06 -1.76 -22.06
CA SER A 113 16.28 -3.13 -21.67
C SER A 113 15.10 -3.66 -20.86
N GLY A 114 15.07 -4.99 -20.71
CA GLY A 114 14.04 -5.60 -19.90
C GLY A 114 14.11 -5.18 -18.45
N TRP A 115 15.32 -5.10 -17.89
CA TRP A 115 15.43 -4.81 -16.46
C TRP A 115 15.02 -3.36 -16.17
N HIS A 116 15.35 -2.42 -17.06
CA HIS A 116 14.92 -1.04 -16.85
C HIS A 116 13.40 -0.91 -16.94
N LEU A 117 12.80 -1.56 -17.93
CA LEU A 117 11.34 -1.53 -18.04
C LEU A 117 10.70 -2.12 -16.79
N HIS A 118 11.26 -3.20 -16.26
CA HIS A 118 10.71 -3.81 -15.06
C HIS A 118 10.80 -2.86 -13.87
N PHE A 119 11.96 -2.20 -13.70
CA PHE A 119 12.10 -1.28 -12.58
C PHE A 119 11.14 -0.10 -12.71
N VAL A 120 10.85 0.34 -13.92
CA VAL A 120 9.85 1.40 -14.10
C VAL A 120 8.46 0.88 -13.76
N ASN A 121 8.14 -0.35 -14.18
CA ASN A 121 6.87 -0.93 -13.78
C ASN A 121 6.73 -0.95 -12.26
N THR A 122 7.81 -1.31 -11.55
CA THR A 122 7.79 -1.30 -10.09
C THR A 122 7.58 0.11 -9.56
N ALA A 123 8.35 1.08 -10.06
CA ALA A 123 8.21 2.46 -9.61
C ALA A 123 6.79 2.96 -9.82
N LYS A 124 6.18 2.60 -10.94
CA LYS A 124 4.83 3.08 -11.23
C LYS A 124 3.79 2.39 -10.35
N GLN A 125 4.02 1.13 -9.97
CA GLN A 125 3.06 0.45 -9.12
C GLN A 125 3.14 0.92 -7.67
N GLY A 126 4.33 1.32 -7.22
CA GLY A 126 4.56 1.60 -5.82
C GLY A 126 5.06 0.42 -5.02
N ALA A 127 5.37 -0.69 -5.67
CA ALA A 127 5.86 -1.90 -5.03
C ALA A 127 6.42 -2.80 -6.12
N PRO A 128 7.21 -3.82 -5.74
CA PRO A 128 7.73 -4.75 -6.76
C PRO A 128 6.62 -5.23 -7.69
N PHE A 129 6.83 -5.00 -8.99
CA PHE A 129 5.77 -5.19 -9.98
C PHE A 129 5.15 -6.57 -9.88
N LEU A 130 3.81 -6.58 -9.74
CA LEU A 130 3.01 -7.80 -9.70
C LEU A 130 3.48 -8.79 -8.64
N SER A 131 4.10 -8.28 -7.58
CA SER A 131 4.56 -9.16 -6.51
C SER A 131 3.41 -9.53 -5.58
N SER A 132 3.65 -10.54 -4.75
CA SER A 132 2.70 -10.97 -3.72
C SER A 132 3.29 -10.59 -2.36
N MET A 133 2.59 -9.69 -1.67
CA MET A 133 3.00 -9.24 -0.34
C MET A 133 2.78 -10.34 0.68
N VAL A 134 3.73 -10.49 1.61
CA VAL A 134 3.63 -11.46 2.69
C VAL A 134 2.91 -10.82 3.86
N THR A 135 1.90 -11.52 4.40
CA THR A 135 1.17 -11.05 5.57
C THR A 135 0.99 -12.21 6.55
N ASP A 136 0.39 -11.91 7.70
CA ASP A 136 0.09 -12.90 8.73
C ASP A 136 -1.27 -13.55 8.56
N SER A 137 -1.98 -13.27 7.47
CA SER A 137 -3.34 -13.75 7.34
C SER A 137 -3.39 -15.28 7.38
N PRO A 138 -4.23 -15.87 8.23
CA PRO A 138 -4.39 -17.34 8.18
C PRO A 138 -5.14 -17.81 6.94
N ILE A 139 -5.98 -16.95 6.35
CA ILE A 139 -6.55 -17.27 5.04
C ILE A 139 -5.41 -17.37 4.03
N LYS A 140 -5.47 -18.40 3.19
CA LYS A 140 -4.31 -18.78 2.38
C LYS A 140 -4.17 -17.90 1.13
N TYR A 141 -4.11 -16.60 1.38
CA TYR A 141 -3.56 -15.67 0.40
C TYR A 141 -2.07 -15.95 0.22
N GLY A 142 -1.50 -15.35 -0.81
CA GLY A 142 -0.06 -15.40 -0.99
C GLY A 142 0.37 -15.69 -2.41
N ASP A 143 1.52 -16.34 -2.56
CA ASP A 143 2.04 -16.71 -3.87
C ASP A 143 1.33 -17.98 -4.32
N VAL A 144 0.10 -17.79 -4.80
CA VAL A 144 -0.73 -18.90 -5.26
C VAL A 144 -0.51 -19.17 -6.74
N MET A 145 -0.45 -18.12 -7.55
CA MET A 145 -0.48 -18.23 -9.01
C MET A 145 0.87 -18.02 -9.67
N ASN A 146 1.92 -17.70 -8.91
CA ASN A 146 3.27 -17.56 -9.44
C ASN A 146 3.30 -16.67 -10.67
N VAL A 147 2.75 -15.46 -10.53
CA VAL A 147 2.67 -14.53 -11.65
C VAL A 147 4.07 -14.19 -12.16
N ILE A 148 4.94 -13.73 -11.26
CA ILE A 148 6.36 -13.53 -11.54
C ILE A 148 7.12 -14.47 -10.63
N ASP A 149 7.90 -15.39 -11.21
CA ASP A 149 8.43 -16.52 -10.46
C ASP A 149 9.67 -17.08 -11.14
N ALA A 150 10.62 -17.54 -10.31
CA ALA A 150 11.80 -18.23 -10.81
C ALA A 150 12.44 -18.96 -9.64
N PRO A 151 12.90 -20.20 -9.82
CA PRO A 151 13.56 -20.90 -8.72
C PRO A 151 14.87 -20.21 -8.35
N ALA A 152 15.09 -20.08 -7.03
CA ALA A 152 16.28 -19.41 -6.54
C ALA A 152 17.55 -20.07 -7.05
N THR A 153 17.53 -21.38 -7.24
CA THR A 153 18.66 -22.11 -7.77
C THR A 153 18.15 -23.18 -8.72
N ILE A 154 19.03 -23.58 -9.64
CA ILE A 154 18.78 -24.75 -10.48
C ILE A 154 19.94 -25.70 -10.24
N ALA A 155 19.66 -26.80 -9.57
CA ALA A 155 20.69 -27.79 -9.26
C ALA A 155 21.11 -28.54 -10.52
N ALA A 156 22.30 -29.11 -10.47
CA ALA A 156 22.77 -29.97 -11.55
C ALA A 156 21.73 -31.04 -11.86
N GLY A 157 21.41 -31.18 -13.14
CA GLY A 157 20.43 -32.17 -13.57
C GLY A 157 18.99 -31.76 -13.37
N ALA A 158 18.72 -30.52 -12.99
CA ALA A 158 17.37 -30.04 -12.72
C ALA A 158 16.91 -29.10 -13.82
N THR A 159 15.60 -28.96 -13.94
CA THR A 159 14.97 -28.04 -14.87
C THR A 159 14.03 -27.12 -14.10
N GLY A 160 14.14 -25.81 -14.33
CA GLY A 160 13.32 -24.83 -13.65
C GLY A 160 12.41 -24.09 -14.60
N GLU A 161 11.26 -23.68 -14.08
CA GLU A 161 10.25 -22.94 -14.83
C GLU A 161 10.24 -21.49 -14.36
N LEU A 162 10.24 -20.55 -15.31
CA LEU A 162 10.25 -19.13 -15.02
C LEU A 162 9.04 -18.46 -15.65
N THR A 163 8.51 -17.45 -14.96
CA THR A 163 7.46 -16.59 -15.50
C THR A 163 7.82 -15.13 -15.22
N MET A 164 7.59 -14.29 -16.21
CA MET A 164 7.87 -12.87 -16.11
C MET A 164 6.79 -12.10 -16.86
N TYR A 165 6.50 -10.89 -16.36
CA TYR A 165 5.58 -9.98 -17.00
C TYR A 165 6.25 -8.62 -17.13
N TYR A 166 6.09 -8.01 -18.30
CA TYR A 166 6.49 -6.63 -18.56
C TYR A 166 5.29 -5.86 -19.06
N TRP A 167 5.11 -4.65 -18.54
CA TRP A 167 4.13 -3.70 -19.08
C TRP A 167 4.90 -2.71 -19.95
N VAL A 168 4.63 -2.71 -21.25
CA VAL A 168 5.21 -1.74 -22.17
C VAL A 168 4.24 -0.56 -22.26
N PRO A 169 4.53 0.58 -21.66
CA PRO A 169 3.56 1.68 -21.67
C PRO A 169 3.68 2.51 -22.94
N LEU A 170 2.52 2.83 -23.52
CA LEU A 170 2.39 3.98 -24.43
C LEU A 170 1.77 5.15 -23.68
N ALA A 171 0.52 4.99 -23.24
CA ALA A 171 -0.06 5.95 -22.30
C ALA A 171 0.72 5.93 -21.00
N TYR A 172 0.74 7.08 -20.32
CA TYR A 172 1.47 7.18 -19.07
C TYR A 172 0.82 6.37 -17.96
N SER A 173 -0.51 6.30 -17.95
CA SER A 173 -1.22 5.51 -16.96
C SER A 173 -2.62 5.21 -17.49
N GLU A 174 -3.44 4.57 -16.66
CA GLU A 174 -4.80 4.23 -17.06
C GLU A 174 -5.71 5.45 -17.10
N THR A 175 -5.34 6.54 -16.42
CA THR A 175 -6.14 7.76 -16.41
C THR A 175 -5.46 8.94 -17.07
N ASP A 176 -4.19 8.82 -17.45
CA ASP A 176 -3.44 9.89 -18.11
C ASP A 176 -2.96 9.34 -19.45
N LEU A 177 -3.66 9.72 -20.53
CA LEU A 177 -3.38 9.19 -21.86
C LEU A 177 -2.22 9.89 -22.55
N THR A 178 -1.48 10.74 -21.86
CA THR A 178 -0.25 11.30 -22.43
C THR A 178 0.65 10.17 -22.90
N GLY A 179 0.91 10.13 -24.21
CA GLY A 179 1.74 9.11 -24.79
C GLY A 179 0.99 7.99 -25.48
N ALA A 180 -0.33 7.95 -25.35
CA ALA A 180 -1.12 6.96 -26.06
C ALA A 180 -0.95 7.13 -27.57
N VAL A 181 -1.39 6.13 -28.31
CA VAL A 181 -1.24 6.08 -29.76
C VAL A 181 -2.61 5.89 -30.40
N LEU A 182 -2.95 6.75 -31.35
CA LEU A 182 -4.17 6.60 -32.15
C LEU A 182 -3.85 5.69 -33.33
N ALA A 183 -4.46 4.51 -33.36
CA ALA A 183 -4.20 3.54 -34.41
C ALA A 183 -5.47 3.26 -35.22
N ASN A 184 -5.97 4.29 -35.90
CA ASN A 184 -7.19 4.17 -36.69
C ASN A 184 -6.94 4.01 -38.19
N VAL A 185 -5.69 4.18 -38.64
CA VAL A 185 -5.37 4.02 -40.06
C VAL A 185 -5.16 2.54 -40.34
N PRO A 186 -5.89 1.95 -41.29
CA PRO A 186 -5.74 0.50 -41.51
C PRO A 186 -4.38 0.09 -42.04
N GLN A 187 -3.72 0.95 -42.82
CA GLN A 187 -2.57 0.51 -43.60
C GLN A 187 -1.24 0.67 -42.88
N SER A 188 -1.11 1.62 -41.97
CA SER A 188 0.16 1.86 -41.30
C SER A 188 0.29 0.94 -40.10
N LYS A 189 1.50 0.43 -39.89
CA LYS A 189 1.74 -0.74 -39.06
C LYS A 189 2.45 -0.35 -37.77
N GLN A 190 1.88 -0.76 -36.64
CA GLN A 190 2.61 -0.71 -35.38
C GLN A 190 3.66 -1.82 -35.35
N ARG A 191 4.77 -1.56 -34.64
CA ARG A 191 5.86 -2.52 -34.54
C ARG A 191 6.34 -2.59 -33.10
N LEU A 192 6.18 -3.77 -32.48
CA LEU A 192 6.69 -4.04 -31.14
C LEU A 192 7.78 -5.09 -31.25
N LYS A 193 9.03 -4.68 -31.08
CA LYS A 193 10.17 -5.58 -31.24
C LYS A 193 10.61 -6.08 -29.87
N LEU A 194 10.70 -7.40 -29.74
CA LEU A 194 11.16 -8.06 -28.53
C LEU A 194 12.43 -8.83 -28.84
N GLU A 195 13.50 -8.57 -28.10
CA GLU A 195 14.74 -9.31 -28.20
C GLU A 195 14.93 -10.08 -26.89
N PHE A 196 14.80 -11.39 -26.97
CA PHE A 196 14.80 -12.24 -25.78
C PHE A 196 16.22 -12.66 -25.41
N ALA A 197 16.34 -13.18 -24.19
CA ALA A 197 17.58 -13.78 -23.75
C ALA A 197 17.85 -15.05 -24.56
N ASN A 198 19.12 -15.46 -24.56
CA ASN A 198 19.53 -16.72 -25.18
C ASN A 198 20.62 -17.34 -24.31
N ASN A 199 21.13 -18.50 -24.74
CA ASN A 199 22.08 -19.23 -23.93
C ASN A 199 23.39 -18.49 -23.72
N ASN A 200 23.64 -17.41 -24.46
N ASN A 200 23.64 -17.41 -24.47
CA ASN A 200 24.85 -16.63 -24.26
CA ASN A 200 24.84 -16.60 -24.30
C ASN A 200 24.66 -15.51 -23.24
C ASN A 200 24.65 -15.51 -23.25
N THR A 201 23.49 -14.87 -23.21
CA THR A 201 23.25 -13.76 -22.30
C THR A 201 22.72 -14.21 -20.94
N ALA A 202 21.96 -15.30 -20.88
CA ALA A 202 21.22 -15.64 -19.67
C ALA A 202 22.08 -16.26 -18.58
N PHE A 203 23.22 -16.84 -18.92
CA PHE A 203 24.00 -17.64 -17.97
C PHE A 203 25.41 -17.08 -17.88
N ALA A 204 25.83 -16.73 -16.67
CA ALA A 204 27.13 -16.13 -16.42
C ALA A 204 27.96 -17.07 -15.56
N ALA A 205 29.22 -17.26 -15.96
CA ALA A 205 30.14 -18.06 -15.17
C ALA A 205 30.50 -17.30 -13.88
N VAL A 206 31.08 -18.03 -12.93
CA VAL A 206 31.57 -17.39 -11.72
C VAL A 206 32.61 -16.34 -12.11
N GLY A 207 32.50 -15.15 -11.53
CA GLY A 207 33.41 -14.07 -11.82
C GLY A 207 33.03 -13.20 -12.99
N ALA A 208 32.13 -13.67 -13.86
CA ALA A 208 31.68 -12.87 -14.98
C ALA A 208 30.65 -11.84 -14.52
N ASN A 209 30.36 -10.89 -15.40
CA ASN A 209 29.43 -9.82 -15.07
C ASN A 209 27.99 -10.35 -15.13
N PRO A 210 27.24 -10.31 -14.03
CA PRO A 210 25.88 -10.85 -14.02
C PRO A 210 24.78 -9.89 -14.46
N LEU A 211 25.13 -8.71 -14.95
CA LEU A 211 24.15 -7.67 -15.23
C LEU A 211 22.99 -8.20 -16.07
N GLU A 212 23.30 -8.76 -17.24
CA GLU A 212 22.28 -9.17 -18.20
C GLU A 212 21.85 -10.61 -18.03
N ALA A 213 22.44 -11.34 -17.10
CA ALA A 213 22.19 -12.77 -16.95
C ALA A 213 21.01 -13.02 -16.01
N ILE A 214 20.46 -14.22 -16.12
CA ILE A 214 19.39 -14.68 -15.26
C ILE A 214 19.91 -15.55 -14.13
N TYR A 215 20.86 -16.42 -14.42
CA TYR A 215 21.49 -17.28 -13.43
C TYR A 215 23.00 -17.16 -13.54
N GLN A 216 23.67 -17.32 -12.39
CA GLN A 216 25.12 -17.29 -12.31
C GLN A 216 25.58 -18.43 -11.40
N GLY A 217 26.72 -19.01 -11.72
CA GLY A 217 27.25 -20.10 -10.94
C GLY A 217 28.22 -20.94 -11.73
N ALA A 218 28.83 -21.90 -11.02
CA ALA A 218 29.85 -22.74 -11.61
C ALA A 218 29.32 -23.66 -12.70
N GLY A 219 28.02 -23.89 -12.74
CA GLY A 219 27.41 -24.71 -13.77
C GLY A 219 26.91 -23.97 -14.98
N ALA A 220 27.24 -22.67 -15.10
CA ALA A 220 26.63 -21.84 -16.14
C ALA A 220 26.96 -22.34 -17.54
N ALA A 221 28.17 -22.85 -17.74
CA ALA A 221 28.61 -23.26 -19.07
C ALA A 221 27.73 -24.36 -19.66
N ASP A 222 27.05 -25.13 -18.82
CA ASP A 222 26.22 -26.25 -19.29
C ASP A 222 24.74 -26.01 -19.03
N CYS A 223 24.33 -24.75 -18.88
CA CYS A 223 22.91 -24.40 -18.79
C CYS A 223 22.41 -23.98 -20.17
N GLU A 224 21.15 -24.30 -20.44
CA GLU A 224 20.56 -23.97 -21.73
C GLU A 224 19.05 -23.80 -21.57
N PHE A 225 18.49 -22.90 -22.39
CA PHE A 225 17.05 -22.80 -22.49
C PHE A 225 16.48 -24.04 -23.16
N GLU A 226 15.45 -24.63 -22.54
CA GLU A 226 14.66 -25.64 -23.24
C GLU A 226 13.66 -24.96 -24.17
N GLU A 227 13.04 -23.87 -23.72
CA GLU A 227 12.09 -23.12 -24.53
C GLU A 227 11.81 -21.79 -23.87
N ILE A 228 11.37 -20.83 -24.69
CA ILE A 228 10.78 -19.59 -24.22
C ILE A 228 9.44 -19.45 -24.92
N SER A 229 8.44 -18.95 -24.19
CA SER A 229 7.13 -18.64 -24.77
C SER A 229 6.77 -17.22 -24.34
N TYR A 230 6.13 -16.48 -25.23
CA TYR A 230 5.63 -15.17 -24.90
C TYR A 230 4.20 -15.03 -25.40
N THR A 231 3.43 -14.20 -24.72
CA THR A 231 2.09 -13.81 -25.13
C THR A 231 1.97 -12.31 -24.96
N VAL A 232 1.57 -11.62 -26.01
CA VAL A 232 1.38 -10.18 -25.99
C VAL A 232 -0.11 -9.88 -25.90
N TYR A 233 -0.50 -9.10 -24.90
CA TYR A 233 -1.83 -8.55 -24.79
C TYR A 233 -1.76 -7.06 -25.10
N GLN A 234 -2.73 -6.57 -25.85
CA GLN A 234 -2.83 -5.16 -26.21
C GLN A 234 -3.95 -4.51 -25.41
N SER A 235 -3.63 -3.42 -24.73
CA SER A 235 -4.62 -2.64 -23.99
C SER A 235 -4.95 -1.39 -24.79
N TYR A 236 -6.24 -1.17 -25.03
CA TYR A 236 -6.66 -0.04 -25.84
C TYR A 236 -8.08 0.37 -25.46
N LEU A 237 -8.53 1.49 -26.03
CA LEU A 237 -9.86 2.02 -25.81
C LEU A 237 -10.64 1.93 -27.11
N ASP A 238 -11.78 1.26 -27.07
CA ASP A 238 -12.65 1.08 -28.22
C ASP A 238 -13.87 1.97 -28.08
N GLN A 239 -14.65 2.06 -29.16
CA GLN A 239 -15.89 2.84 -29.16
C GLN A 239 -15.62 4.30 -28.80
N LEU A 240 -14.66 4.89 -29.50
CA LEU A 240 -14.26 6.26 -29.17
C LEU A 240 -15.45 7.20 -29.37
N PRO A 241 -15.60 8.22 -28.53
CA PRO A 241 -16.73 9.14 -28.69
C PRO A 241 -16.56 10.03 -29.91
N VAL A 242 -17.70 10.40 -30.50
CA VAL A 242 -17.73 11.26 -31.68
C VAL A 242 -18.56 12.48 -31.36
N GLY A 243 -18.09 13.65 -31.78
CA GLY A 243 -18.79 14.89 -31.59
C GLY A 243 -19.16 15.55 -32.90
N GLN A 244 -19.65 16.79 -32.83
CA GLN A 244 -20.04 17.50 -34.05
C GLN A 244 -18.86 17.63 -35.00
N ASN A 245 -17.75 18.19 -34.51
CA ASN A 245 -16.58 18.42 -35.35
C ASN A 245 -15.86 17.13 -35.71
N GLY A 246 -16.12 16.04 -35.00
CA GLY A 246 -15.50 14.76 -35.28
C GLY A 246 -15.21 14.01 -34.00
N TYR A 247 -14.27 13.08 -34.08
CA TYR A 247 -13.85 12.33 -32.90
C TYR A 247 -13.34 13.27 -31.83
N ILE A 248 -13.80 13.08 -30.60
CA ILE A 248 -13.32 13.85 -29.46
C ILE A 248 -12.03 13.21 -28.98
N LEU A 249 -10.90 13.91 -29.19
CA LEU A 249 -9.59 13.35 -28.89
C LEU A 249 -8.74 14.38 -28.15
N PRO A 250 -7.95 13.93 -27.16
CA PRO A 250 -6.97 14.84 -26.53
C PRO A 250 -5.73 15.02 -27.41
N LEU A 251 -5.68 16.14 -28.13
CA LEU A 251 -4.65 16.32 -29.15
C LEU A 251 -3.27 16.42 -28.54
N ILE A 252 -3.15 17.06 -27.38
CA ILE A 252 -1.83 17.16 -26.73
C ILE A 252 -1.37 15.80 -26.27
N ASP A 253 -2.27 15.01 -25.67
CA ASP A 253 -1.89 13.69 -25.20
C ASP A 253 -1.36 12.83 -26.35
N LEU A 254 -2.11 12.77 -27.46
CA LEU A 254 -1.78 11.90 -28.57
C LEU A 254 -0.63 12.42 -29.43
N SER A 255 -0.20 13.66 -29.24
CA SER A 255 0.96 14.20 -29.93
C SER A 255 2.18 14.27 -29.03
N THR A 256 2.10 13.68 -27.84
CA THR A 256 3.22 13.59 -26.91
C THR A 256 3.73 12.16 -26.85
N LEU A 257 5.05 12.01 -26.79
CA LEU A 257 5.68 10.70 -26.64
C LEU A 257 6.04 10.49 -25.18
N TYR A 258 5.66 9.34 -24.63
CA TYR A 258 6.08 8.88 -23.32
C TYR A 258 7.01 7.69 -23.54
N ASN A 259 8.31 7.88 -23.27
CA ASN A 259 9.33 6.93 -23.67
C ASN A 259 10.19 6.53 -22.49
N LEU A 260 10.66 5.28 -22.52
CA LEU A 260 11.72 4.80 -21.67
C LEU A 260 12.95 4.54 -22.55
N GLU A 261 14.11 5.00 -22.09
CA GLU A 261 15.36 4.75 -22.80
C GLU A 261 16.46 4.57 -21.77
N ASN A 262 17.53 3.89 -22.19
CA ASN A 262 18.68 3.69 -21.32
C ASN A 262 19.96 3.86 -22.14
N SER A 263 21.03 4.18 -21.43
CA SER A 263 22.35 4.33 -22.03
C SER A 263 23.39 3.95 -21.00
N ALA A 264 24.63 3.81 -21.44
CA ALA A 264 25.75 3.50 -20.58
C ALA A 264 26.77 4.63 -20.63
N GLN A 265 27.37 4.94 -19.48
CA GLN A 265 28.34 6.01 -19.37
C GLN A 265 29.55 5.49 -18.58
N ALA A 266 30.74 5.87 -19.00
CA ALA A 266 31.98 5.45 -18.35
C ALA A 266 32.87 6.66 -18.16
N GLY A 267 33.93 6.46 -17.37
CA GLY A 267 34.85 7.52 -17.06
C GLY A 267 34.81 7.91 -15.59
N LEU A 268 34.43 6.96 -14.74
CA LEU A 268 34.34 7.22 -13.31
C LEU A 268 35.71 7.08 -12.66
N THR A 269 35.98 7.96 -11.68
CA THR A 269 37.24 7.94 -10.95
C THR A 269 36.94 8.24 -9.49
N PRO A 270 37.66 7.62 -8.55
CA PRO A 270 37.30 7.76 -7.14
C PRO A 270 37.30 9.20 -6.66
N ASN A 271 36.32 9.52 -5.82
CA ASN A 271 36.21 10.79 -5.10
C ASN A 271 36.02 11.99 -6.02
N VAL A 272 35.67 11.77 -7.28
CA VAL A 272 35.38 12.86 -8.21
C VAL A 272 33.93 12.75 -8.64
N ASP A 273 33.26 13.89 -8.75
CA ASP A 273 31.88 13.93 -9.23
C ASP A 273 31.82 13.45 -10.68
N PHE A 274 31.03 12.42 -10.91
CA PHE A 274 30.73 11.94 -12.26
C PHE A 274 29.32 12.40 -12.64
N VAL A 275 29.24 13.26 -13.64
CA VAL A 275 28.01 13.96 -13.99
C VAL A 275 27.48 13.43 -15.31
N VAL A 276 26.19 13.07 -15.32
CA VAL A 276 25.50 12.66 -16.54
C VAL A 276 24.49 13.75 -16.86
N GLN A 277 24.73 14.47 -17.95
CA GLN A 277 23.88 15.60 -18.29
C GLN A 277 22.53 15.14 -18.82
N TYR A 278 21.48 15.85 -18.42
CA TYR A 278 20.17 15.65 -19.02
C TYR A 278 20.06 16.44 -20.32
N ALA A 279 19.52 15.81 -21.35
CA ALA A 279 19.25 16.54 -22.58
C ALA A 279 18.13 17.55 -22.34
N ASN A 280 18.03 18.50 -23.26
CA ASN A 280 17.01 19.54 -23.20
C ASN A 280 15.81 19.15 -24.07
N LEU A 281 14.67 19.76 -23.77
CA LEU A 281 13.40 19.54 -24.45
C LEU A 281 12.77 18.20 -24.08
N TYR A 282 13.45 17.38 -23.28
CA TYR A 282 12.85 16.19 -22.68
C TYR A 282 12.40 16.53 -21.27
N ARG A 283 11.20 16.09 -20.91
CA ARG A 283 10.68 16.24 -19.55
C ARG A 283 10.94 14.91 -18.82
N TYR A 284 12.06 14.84 -18.12
CA TYR A 284 12.47 13.61 -17.44
C TYR A 284 11.61 13.39 -16.20
N LEU A 285 10.86 12.29 -16.19
CA LEU A 285 10.01 11.94 -15.07
C LEU A 285 10.71 11.10 -14.02
N SER A 286 11.67 10.28 -14.43
CA SER A 286 12.40 9.44 -13.47
C SER A 286 13.76 9.08 -14.04
N THR A 287 14.68 8.77 -13.14
CA THR A 287 16.04 8.40 -13.48
C THR A 287 16.44 7.18 -12.67
N ILE A 288 17.02 6.19 -13.35
CA ILE A 288 17.60 5.02 -12.70
C ILE A 288 19.07 4.97 -13.07
N ALA A 289 19.92 4.76 -12.06
CA ALA A 289 21.36 4.66 -12.25
C ALA A 289 21.83 3.35 -11.62
N VAL A 290 22.44 2.49 -12.44
CA VAL A 290 22.97 1.21 -11.99
C VAL A 290 24.50 1.30 -12.01
N PHE A 291 25.11 1.18 -10.84
CA PHE A 291 26.56 1.25 -10.71
C PHE A 291 27.13 -0.15 -10.96
N ASP A 292 27.35 -0.46 -12.22
CA ASP A 292 28.00 -1.72 -12.62
C ASP A 292 29.49 -1.54 -12.39
N ASN A 293 29.94 -1.84 -11.17
CA ASN A 293 31.30 -1.55 -10.76
C ASN A 293 32.21 -2.72 -11.15
N GLY A 294 32.39 -2.86 -12.46
CA GLY A 294 33.22 -3.92 -13.01
C GLY A 294 32.70 -5.30 -12.66
N GLY A 295 31.41 -5.52 -12.85
CA GLY A 295 30.80 -6.79 -12.52
C GLY A 295 30.42 -6.96 -11.07
N SER A 296 30.74 -5.99 -10.22
CA SER A 296 30.38 -6.02 -8.81
C SER A 296 29.25 -5.04 -8.57
N PHE A 297 28.24 -5.48 -7.85
CA PHE A 297 27.08 -4.66 -7.49
C PHE A 297 27.02 -4.61 -5.97
N ASN A 298 27.22 -3.42 -5.41
CA ASN A 298 27.33 -3.23 -3.97
C ASN A 298 26.19 -2.38 -3.45
N ALA A 299 25.86 -2.59 -2.18
CA ALA A 299 24.74 -1.88 -1.54
C ALA A 299 25.22 -0.53 -1.01
N GLY A 300 25.53 0.36 -1.95
CA GLY A 300 25.89 1.73 -1.64
C GLY A 300 27.28 1.93 -1.07
N THR A 301 27.98 0.85 -0.73
CA THR A 301 29.28 0.98 -0.04
C THR A 301 30.37 1.54 -0.94
N ASP A 302 30.17 1.56 -2.25
CA ASP A 302 31.17 2.08 -3.18
C ASP A 302 30.85 3.48 -3.68
N ILE A 303 29.91 4.18 -3.03
CA ILE A 303 29.50 5.52 -3.43
C ILE A 303 29.61 6.46 -2.24
N ASN A 304 30.12 7.66 -2.49
CA ASN A 304 30.14 8.70 -1.47
C ASN A 304 28.78 9.38 -1.36
N TYR A 305 28.22 9.80 -2.49
CA TYR A 305 26.90 10.41 -2.51
C TYR A 305 26.39 10.45 -3.94
N LEU A 306 25.09 10.71 -4.05
CA LEU A 306 24.43 10.93 -5.33
C LEU A 306 23.70 12.27 -5.26
N SER A 307 23.38 12.83 -6.42
CA SER A 307 22.74 14.14 -6.40
C SER A 307 22.15 14.45 -7.77
N GLN A 308 21.26 15.44 -7.78
CA GLN A 308 20.82 16.12 -9.00
C GLN A 308 21.25 17.57 -8.88
N ARG A 309 21.91 18.09 -9.89
CA ARG A 309 22.64 19.35 -9.81
C ARG A 309 22.31 20.24 -11.00
N THR A 310 22.20 21.55 -10.73
CA THR A 310 21.84 22.54 -11.74
C THR A 310 23.03 23.05 -12.53
N ALA A 311 24.26 22.75 -12.10
CA ALA A 311 25.54 23.08 -12.72
C ALA A 311 26.08 24.40 -12.19
N ASN A 312 25.30 25.15 -11.40
CA ASN A 312 25.81 26.31 -10.68
C ASN A 312 26.27 25.94 -9.27
N PHE A 313 26.61 24.68 -9.04
CA PHE A 313 27.06 24.14 -7.75
C PHE A 313 25.94 23.99 -6.75
N SER A 314 24.69 24.28 -7.11
CA SER A 314 23.56 24.16 -6.20
C SER A 314 22.97 22.76 -6.36
N ASP A 315 23.16 21.92 -5.33
CA ASP A 315 22.60 20.57 -5.31
C ASP A 315 21.24 20.60 -4.64
N THR A 316 20.21 20.18 -5.38
CA THR A 316 18.86 20.15 -4.83
C THR A 316 18.58 18.91 -4.01
N ARG A 317 19.41 17.88 -4.14
CA ARG A 317 19.28 16.68 -3.30
C ARG A 317 20.57 15.88 -3.31
N LYS A 318 21.60 16.38 -2.62
CA LYS A 318 22.87 15.69 -2.48
C LYS A 318 22.84 14.85 -1.21
N LEU A 319 22.79 13.53 -1.38
CA LEU A 319 22.51 12.62 -0.28
C LEU A 319 23.51 11.48 -0.27
N ASP A 320 23.82 10.99 0.93
CA ASP A 320 24.54 9.74 1.07
C ASP A 320 23.66 8.59 0.57
N PRO A 321 24.26 7.44 0.26
CA PRO A 321 23.48 6.35 -0.35
C PRO A 321 22.31 5.88 0.49
N LYS A 322 22.49 5.72 1.80
CA LYS A 322 21.39 5.23 2.64
C LYS A 322 20.21 6.21 2.62
N THR A 323 20.49 7.51 2.69
CA THR A 323 19.40 8.49 2.66
C THR A 323 18.75 8.54 1.28
N TRP A 324 19.53 8.35 0.22
CA TRP A 324 18.96 8.20 -1.11
C TRP A 324 18.02 7.00 -1.14
N ALA A 325 18.44 5.88 -0.55
CA ALA A 325 17.60 4.69 -0.50
C ALA A 325 16.36 4.91 0.35
N ALA A 326 16.46 5.77 1.36
CA ALA A 326 15.29 6.05 2.21
C ALA A 326 14.17 6.66 1.38
N GLN A 327 14.50 7.64 0.52
CA GLN A 327 13.48 8.24 -0.34
C GLN A 327 12.86 7.19 -1.25
N THR A 328 13.68 6.28 -1.78
CA THR A 328 13.16 5.23 -2.64
C THR A 328 12.23 4.30 -1.87
N ARG A 329 12.55 4.02 -0.60
CA ARG A 329 11.66 3.20 0.21
C ARG A 329 10.30 3.86 0.36
N ARG A 330 10.24 5.19 0.35
CA ARG A 330 8.95 5.87 0.40
CA ARG A 330 8.96 5.89 0.39
C ARG A 330 8.19 5.73 -0.91
N ARG A 331 8.88 5.40 -2.00
CA ARG A 331 8.23 5.28 -3.30
C ARG A 331 7.75 3.86 -3.58
N ILE A 332 8.56 2.84 -3.29
CA ILE A 332 8.24 1.48 -3.69
C ILE A 332 8.20 0.52 -2.49
N ALA A 333 8.29 1.04 -1.27
CA ALA A 333 8.12 0.24 -0.06
C ALA A 333 9.21 -0.80 0.14
N THR A 334 10.35 -0.63 -0.52
CA THR A 334 11.48 -1.55 -0.39
C THR A 334 12.66 -0.92 -1.13
N ASP A 335 13.79 -1.63 -1.14
CA ASP A 335 14.96 -1.20 -1.88
C ASP A 335 15.01 -1.88 -3.25
N PHE A 336 15.52 -1.17 -4.24
CA PHE A 336 15.92 -1.80 -5.48
C PHE A 336 17.12 -2.71 -5.24
N PRO A 337 17.39 -3.64 -6.15
CA PRO A 337 18.55 -4.53 -5.96
C PRO A 337 19.85 -3.75 -5.83
N LYS A 338 20.87 -4.44 -5.33
CA LYS A 338 22.17 -3.83 -5.09
C LYS A 338 22.66 -3.08 -6.31
N GLY A 339 23.14 -1.85 -6.09
CA GLY A 339 23.70 -1.04 -7.15
C GLY A 339 22.70 -0.27 -7.98
N VAL A 340 21.41 -0.43 -7.72
CA VAL A 340 20.36 0.24 -8.48
C VAL A 340 19.85 1.41 -7.65
N TYR A 341 19.84 2.60 -8.25
CA TYR A 341 19.45 3.82 -7.58
C TYR A 341 18.37 4.52 -8.39
N TYR A 342 17.33 4.96 -7.71
CA TYR A 342 16.13 5.51 -8.34
C TYR A 342 15.94 6.95 -7.89
N CYS A 343 15.43 7.77 -8.82
CA CYS A 343 15.20 9.18 -8.56
C CYS A 343 13.88 9.58 -9.21
N ASP A 344 12.94 10.04 -8.39
CA ASP A 344 11.60 10.40 -8.84
C ASP A 344 11.52 11.91 -9.06
N ASN A 345 11.10 12.31 -10.25
CA ASN A 345 10.87 13.71 -10.61
C ASN A 345 9.51 13.86 -11.28
N ARG A 346 8.52 13.09 -10.82
CA ARG A 346 7.24 13.06 -11.52
C ARG A 346 6.44 14.34 -11.30
N ASP A 347 6.47 14.90 -10.09
CA ASP A 347 5.71 16.11 -9.86
C ASP A 347 6.35 17.32 -10.53
N LYS A 348 7.68 17.35 -10.62
CA LYS A 348 8.40 18.45 -11.25
C LYS A 348 9.49 17.88 -12.14
N PRO A 349 9.15 17.51 -13.36
CA PRO A 349 10.13 16.87 -14.25
C PRO A 349 11.32 17.78 -14.53
N ILE A 350 12.50 17.16 -14.66
CA ILE A 350 13.67 17.89 -15.12
C ILE A 350 13.39 18.38 -16.54
N TYR A 351 13.34 19.71 -16.70
CA TYR A 351 13.09 20.32 -18.00
C TYR A 351 13.96 21.57 -18.11
N THR A 352 14.97 21.50 -18.96
CA THR A 352 15.87 22.61 -19.21
C THR A 352 15.69 23.12 -20.64
N LEU A 353 15.95 24.41 -20.82
CA LEU A 353 15.92 25.02 -22.15
C LEU A 353 17.24 24.86 -22.88
N GLN A 354 18.34 24.64 -22.17
CA GLN A 354 19.66 24.50 -22.76
C GLN A 354 20.28 23.19 -22.31
N TYR A 355 20.84 22.45 -23.26
CA TYR A 355 21.40 21.13 -22.97
C TYR A 355 22.43 21.22 -21.84
N GLY A 356 22.35 20.27 -20.92
CA GLY A 356 23.31 20.19 -19.83
C GLY A 356 23.05 21.11 -18.66
N ASN A 357 21.94 21.86 -18.67
CA ASN A 357 21.65 22.75 -17.55
C ASN A 357 21.43 22.00 -16.25
N VAL A 358 21.19 20.69 -16.31
N VAL A 358 21.19 20.69 -16.31
CA VAL A 358 21.01 19.85 -15.14
CA VAL A 358 21.02 19.85 -15.13
C VAL A 358 21.73 18.52 -15.37
C VAL A 358 21.72 18.52 -15.37
N GLY A 359 22.25 17.94 -14.29
CA GLY A 359 22.96 16.68 -14.39
C GLY A 359 22.69 15.80 -13.20
N PHE A 360 22.88 14.49 -13.43
CA PHE A 360 22.80 13.48 -12.37
C PHE A 360 24.23 13.15 -11.92
N VAL A 361 24.44 13.14 -10.61
CA VAL A 361 25.78 13.12 -10.05
C VAL A 361 25.96 11.86 -9.21
N VAL A 362 27.04 11.14 -9.47
CA VAL A 362 27.50 10.06 -8.60
C VAL A 362 28.97 10.34 -8.28
N ASN A 363 29.28 10.47 -6.99
CA ASN A 363 30.66 10.59 -6.56
C ASN A 363 31.10 9.22 -6.04
N PRO A 364 31.82 8.43 -6.82
CA PRO A 364 32.20 7.09 -6.36
C PRO A 364 33.36 7.15 -5.38
N LYS A 365 33.41 6.13 -4.53
CA LYS A 365 34.50 5.92 -3.60
C LYS A 365 35.38 4.75 -3.96
N THR A 366 34.86 3.81 -4.77
CA THR A 366 35.63 2.68 -5.28
C THR A 366 35.25 2.51 -6.75
N VAL A 367 36.25 2.42 -7.61
CA VAL A 367 36.04 2.26 -9.05
C VAL A 367 36.91 1.11 -9.51
N ASN A 368 36.27 -0.02 -9.85
CA ASN A 368 36.98 -1.18 -10.37
C ASN A 368 37.22 -1.01 -11.87
N GLN A 369 37.97 -1.95 -12.44
CA GLN A 369 38.19 -1.94 -13.88
C GLN A 369 36.88 -2.09 -14.63
N ASN A 370 36.72 -1.31 -15.69
CA ASN A 370 35.53 -1.34 -16.55
C ASN A 370 34.27 -0.91 -15.80
N ALA A 371 34.43 -0.12 -14.75
CA ALA A 371 33.27 0.44 -14.07
C ALA A 371 32.48 1.31 -15.04
N ARG A 372 31.16 1.24 -14.95
CA ARG A 372 30.30 2.07 -15.78
C ARG A 372 28.99 2.33 -15.06
N LEU A 373 28.31 3.36 -15.51
CA LEU A 373 27.03 3.79 -14.96
C LEU A 373 25.98 3.59 -16.04
N LEU A 374 25.02 2.69 -15.78
CA LEU A 374 23.91 2.45 -16.68
C LEU A 374 22.75 3.34 -16.29
N MET A 375 22.37 4.25 -17.17
CA MET A 375 21.33 5.22 -16.91
C MET A 375 20.06 4.83 -17.63
N GLY A 376 18.94 4.83 -16.92
CA GLY A 376 17.65 4.60 -17.52
C GLY A 376 16.74 5.80 -17.28
N TYR A 377 16.06 6.26 -18.32
CA TYR A 377 15.28 7.48 -18.24
C TYR A 377 13.83 7.23 -18.62
N GLU A 378 12.96 8.01 -17.97
CA GLU A 378 11.53 8.04 -18.22
C GLU A 378 11.19 9.50 -18.52
N TYR A 379 10.63 9.76 -19.70
CA TYR A 379 10.47 11.16 -20.08
C TYR A 379 9.32 11.34 -21.07
N PHE A 380 8.83 12.58 -21.11
CA PHE A 380 7.91 13.05 -22.13
C PHE A 380 8.68 13.88 -23.16
N THR A 381 8.16 13.91 -24.38
CA THR A 381 8.65 14.85 -25.38
C THR A 381 7.61 14.95 -26.49
N SER A 382 7.63 16.09 -27.18
CA SER A 382 6.69 16.35 -28.25
C SER A 382 7.23 15.81 -29.57
N ARG A 383 6.31 15.48 -30.48
CA ARG A 383 6.71 14.95 -31.78
C ARG A 383 7.37 16.04 -32.63
N THR A 384 6.88 17.28 -32.52
CA THR A 384 7.40 18.38 -33.34
C THR A 384 7.38 19.69 -32.55
N GLN B 12 -37.12 16.57 -22.89
CA GLN B 12 -36.40 15.39 -22.45
C GLN B 12 -36.58 15.17 -20.95
N ALA B 13 -36.48 16.25 -20.18
CA ALA B 13 -36.59 16.24 -18.72
C ALA B 13 -35.45 15.47 -18.05
N ALA B 14 -34.43 15.06 -18.80
CA ALA B 14 -33.27 14.41 -18.19
C ALA B 14 -32.49 15.38 -17.32
N LEU B 15 -32.68 16.69 -17.50
CA LEU B 15 -32.07 17.66 -16.60
C LEU B 15 -32.42 17.35 -15.16
N ARG B 16 -33.68 16.96 -14.92
CA ARG B 16 -34.12 16.64 -13.56
C ARG B 16 -33.17 15.67 -12.88
N ASN B 17 -32.74 14.63 -13.61
CA ASN B 17 -31.73 13.72 -13.06
C ASN B 17 -30.48 14.48 -12.66
N GLN B 18 -29.92 15.26 -13.59
CA GLN B 18 -28.74 16.07 -13.30
C GLN B 18 -28.91 16.83 -11.99
N GLN B 19 -30.06 17.50 -11.83
CA GLN B 19 -30.31 18.28 -10.62
C GLN B 19 -30.43 17.37 -9.40
N ALA B 20 -31.21 16.30 -9.52
CA ALA B 20 -31.43 15.42 -8.38
C ALA B 20 -30.13 14.78 -7.92
N MET B 21 -29.25 14.42 -8.86
CA MET B 21 -27.99 13.80 -8.46
C MET B 21 -27.05 14.83 -7.84
N ALA B 22 -26.98 16.03 -8.41
CA ALA B 22 -26.20 17.09 -7.78
C ALA B 22 -26.71 17.38 -6.38
N ALA B 23 -28.04 17.31 -6.18
CA ALA B 23 -28.59 17.51 -4.86
C ALA B 23 -28.26 16.35 -3.93
N ASN B 24 -28.27 15.12 -4.47
CA ASN B 24 -27.90 13.97 -3.65
C ASN B 24 -26.46 14.10 -3.17
N LEU B 25 -25.54 14.46 -4.07
N LEU B 25 -25.54 14.45 -4.07
CA LEU B 25 -24.14 14.62 -3.67
CA LEU B 25 -24.15 14.62 -3.69
C LEU B 25 -23.97 15.78 -2.70
C LEU B 25 -24.01 15.76 -2.67
N GLN B 26 -24.75 16.84 -2.84
CA GLN B 26 -24.66 17.95 -1.91
C GLN B 26 -25.18 17.56 -0.53
N ALA B 27 -26.27 16.80 -0.48
CA ALA B 27 -26.79 16.33 0.80
C ALA B 27 -25.82 15.35 1.45
N ARG B 28 -25.19 14.48 0.65
CA ARG B 28 -24.19 13.58 1.19
C ARG B 28 -23.04 14.35 1.83
N GLN B 29 -22.51 15.33 1.11
CA GLN B 29 -21.39 16.11 1.64
C GLN B 29 -21.78 16.83 2.93
N ILE B 30 -22.99 17.37 2.98
CA ILE B 30 -23.43 18.07 4.19
C ILE B 30 -23.55 17.09 5.35
N VAL B 31 -24.16 15.93 5.10
CA VAL B 31 -24.31 14.93 6.17
C VAL B 31 -22.95 14.50 6.69
N LEU B 32 -22.01 14.21 5.78
CA LEU B 32 -20.69 13.76 6.20
C LEU B 32 -19.95 14.84 6.99
N GLN B 33 -20.16 16.11 6.64
CA GLN B 33 -19.47 17.19 7.36
C GLN B 33 -20.09 17.43 8.72
N GLN B 34 -21.42 17.41 8.81
CA GLN B 34 -22.12 17.81 10.01
C GLN B 34 -22.43 16.66 10.95
N SER B 35 -22.55 15.44 10.44
CA SER B 35 -23.06 14.35 11.25
C SER B 35 -22.01 13.87 12.24
N TYR B 36 -22.44 12.98 13.14
CA TYR B 36 -21.65 12.49 14.26
C TYR B 36 -21.32 11.02 14.04
N PRO B 37 -20.11 10.67 13.60
CA PRO B 37 -19.80 9.26 13.32
C PRO B 37 -19.60 8.48 14.62
N VAL B 38 -20.27 7.33 14.73
CA VAL B 38 -20.26 6.52 15.94
C VAL B 38 -20.14 5.06 15.56
N ILE B 39 -19.31 4.33 16.30
CA ILE B 39 -19.27 2.87 16.23
C ILE B 39 -19.40 2.36 17.66
N GLN B 40 -20.42 1.55 17.91
CA GLN B 40 -20.68 1.09 19.27
C GLN B 40 -21.20 -0.34 19.24
N GLN B 41 -20.89 -1.07 20.30
CA GLN B 41 -21.32 -2.45 20.44
C GLN B 41 -22.82 -2.53 20.64
N VAL B 42 -23.45 -3.49 19.95
CA VAL B 42 -24.88 -3.70 20.09
C VAL B 42 -25.22 -5.08 20.65
N GLU B 43 -24.32 -6.04 20.60
CA GLU B 43 -24.64 -7.38 21.09
C GLU B 43 -23.36 -8.20 21.22
N THR B 44 -23.29 -9.00 22.27
CA THR B 44 -22.22 -9.96 22.47
C THR B 44 -22.81 -11.23 23.06
N GLN B 45 -22.36 -12.38 22.57
CA GLN B 45 -22.88 -13.66 23.01
C GLN B 45 -21.83 -14.75 22.87
N THR B 46 -21.77 -15.62 23.86
CA THR B 46 -20.96 -16.83 23.83
C THR B 46 -21.90 -18.03 23.83
N PHE B 47 -21.62 -19.01 22.96
CA PHE B 47 -22.52 -20.13 22.78
C PHE B 47 -21.74 -21.37 22.35
N ASP B 48 -22.40 -22.52 22.48
CA ASP B 48 -21.88 -23.78 21.98
C ASP B 48 -22.61 -24.12 20.70
N PRO B 49 -21.94 -24.22 19.55
CA PRO B 49 -22.67 -24.48 18.30
C PRO B 49 -23.41 -25.80 18.28
N ALA B 50 -23.10 -26.72 19.20
CA ALA B 50 -23.89 -27.94 19.29
C ALA B 50 -25.33 -27.65 19.70
N ASN B 51 -25.55 -26.55 20.42
CA ASN B 51 -26.90 -26.14 20.83
C ASN B 51 -27.55 -25.24 19.81
N ARG B 52 -26.82 -24.25 19.31
CA ARG B 52 -27.39 -23.25 18.42
C ARG B 52 -26.27 -22.58 17.64
N SER B 53 -26.53 -22.31 16.36
CA SER B 53 -25.56 -21.65 15.50
C SER B 53 -26.16 -20.53 14.68
N VAL B 54 -27.47 -20.26 14.78
CA VAL B 54 -28.15 -19.22 14.03
C VAL B 54 -28.63 -18.17 15.01
N PHE B 55 -28.35 -16.91 14.72
CA PHE B 55 -28.69 -15.81 15.61
C PHE B 55 -29.30 -14.66 14.81
N ASP B 56 -30.21 -13.94 15.47
CA ASP B 56 -30.84 -12.75 14.90
C ASP B 56 -30.46 -11.57 15.78
N VAL B 57 -29.60 -10.70 15.27
CA VAL B 57 -29.13 -9.53 15.98
C VAL B 57 -30.07 -8.37 15.67
N THR B 58 -30.49 -7.65 16.72
CA THR B 58 -31.39 -6.51 16.58
C THR B 58 -30.58 -5.22 16.76
N PRO B 59 -30.19 -4.54 15.69
CA PRO B 59 -29.43 -3.30 15.84
C PRO B 59 -30.29 -2.21 16.47
N ALA B 60 -29.62 -1.13 16.87
CA ALA B 60 -30.32 0.05 17.32
C ALA B 60 -30.82 0.86 16.14
N ASN B 61 -31.93 1.56 16.34
CA ASN B 61 -32.52 2.41 15.31
C ASN B 61 -32.13 3.84 15.62
N VAL B 62 -30.99 4.26 15.08
CA VAL B 62 -30.47 5.62 15.28
C VAL B 62 -29.80 6.07 13.99
N GLY B 63 -30.16 7.26 13.53
CA GLY B 63 -29.50 7.94 12.42
C GLY B 63 -29.35 7.07 11.19
N ILE B 64 -28.25 7.32 10.46
CA ILE B 64 -27.94 6.60 9.23
C ILE B 64 -26.96 5.48 9.58
N VAL B 65 -27.34 4.25 9.26
CA VAL B 65 -26.51 3.08 9.58
C VAL B 65 -25.64 2.76 8.37
N LYS B 66 -24.33 2.66 8.60
CA LYS B 66 -23.37 2.43 7.54
C LYS B 66 -22.94 0.97 7.42
N GLY B 67 -22.88 0.24 8.52
CA GLY B 67 -22.50 -1.16 8.46
C GLY B 67 -22.26 -1.73 9.83
N PHE B 68 -21.85 -3.00 9.84
CA PHE B 68 -21.64 -3.76 11.07
C PHE B 68 -20.28 -4.45 11.02
N LEU B 69 -19.52 -4.32 12.10
CA LEU B 69 -18.29 -5.06 12.28
C LEU B 69 -18.60 -6.24 13.19
N VAL B 70 -18.37 -7.46 12.69
CA VAL B 70 -18.67 -8.68 13.42
C VAL B 70 -17.33 -9.31 13.84
N LYS B 71 -17.08 -9.32 15.14
CA LYS B 71 -15.94 -10.02 15.71
C LYS B 71 -16.37 -11.42 16.13
N VAL B 72 -15.62 -12.42 15.70
CA VAL B 72 -15.90 -13.82 16.03
C VAL B 72 -14.63 -14.46 16.58
N THR B 73 -14.74 -15.03 17.77
CA THR B 73 -13.68 -15.84 18.35
C THR B 73 -14.20 -17.25 18.54
N ALA B 74 -13.30 -18.23 18.56
CA ALA B 74 -13.69 -19.62 18.73
C ALA B 74 -12.54 -20.41 19.33
N ALA B 75 -12.91 -21.47 20.04
CA ALA B 75 -11.98 -22.47 20.55
C ALA B 75 -12.35 -23.80 19.94
N ILE B 76 -11.38 -24.44 19.30
CA ILE B 76 -11.58 -25.72 18.62
C ILE B 76 -10.63 -26.74 19.24
N THR B 77 -11.17 -27.90 19.60
CA THR B 77 -10.37 -28.99 20.15
C THR B 77 -10.35 -30.15 19.15
N ASN B 78 -9.16 -30.65 18.87
CA ASN B 78 -8.99 -31.88 18.10
C ASN B 78 -8.91 -33.03 19.12
N ASN B 79 -10.00 -33.78 19.24
CA ASN B 79 -10.06 -34.88 20.19
C ASN B 79 -9.58 -36.21 19.62
N HIS B 80 -9.17 -36.24 18.35
CA HIS B 80 -8.73 -37.48 17.76
C HIS B 80 -7.52 -38.02 18.51
N ALA B 81 -7.38 -39.34 18.51
CA ALA B 81 -6.34 -39.98 19.33
C ALA B 81 -4.95 -39.65 18.81
N THR B 82 -4.77 -39.63 17.48
CA THR B 82 -3.43 -39.55 16.90
C THR B 82 -3.29 -38.51 15.79
N GLU B 83 -4.31 -38.32 14.96
CA GLU B 83 -4.18 -37.53 13.76
C GLU B 83 -4.40 -36.05 14.03
N ALA B 84 -3.83 -35.22 13.16
CA ALA B 84 -3.96 -33.76 13.22
C ALA B 84 -4.89 -33.27 12.13
N VAL B 85 -5.21 -31.99 12.19
CA VAL B 85 -5.98 -31.31 11.15
C VAL B 85 -5.27 -30.01 10.80
N ALA B 86 -5.47 -29.56 9.56
CA ALA B 86 -4.84 -28.34 9.07
C ALA B 86 -5.89 -27.43 8.46
N LEU B 87 -5.60 -26.12 8.49
CA LEU B 87 -6.53 -25.14 7.95
C LEU B 87 -6.82 -25.42 6.48
N THR B 88 -8.07 -25.18 6.09
CA THR B 88 -8.44 -25.14 4.69
C THR B 88 -7.94 -23.82 4.08
N ASP B 89 -8.16 -23.66 2.77
CA ASP B 89 -7.75 -22.43 2.11
C ASP B 89 -8.47 -21.22 2.71
N PHE B 90 -9.76 -21.37 3.02
CA PHE B 90 -10.53 -20.26 3.56
C PHE B 90 -10.43 -20.15 5.08
N GLY B 91 -10.12 -21.26 5.76
CA GLY B 91 -9.84 -21.25 7.17
C GLY B 91 -10.87 -20.51 7.99
N PRO B 92 -10.41 -19.56 8.83
CA PRO B 92 -11.34 -18.89 9.74
C PRO B 92 -12.39 -18.03 9.05
N ALA B 93 -12.25 -17.77 7.75
CA ALA B 93 -13.30 -17.05 7.03
C ALA B 93 -14.60 -17.85 6.98
N ASN B 94 -14.56 -19.16 7.27
CA ASN B 94 -15.76 -19.97 7.32
C ASN B 94 -16.35 -20.09 8.73
N LEU B 95 -15.90 -19.26 9.67
CA LEU B 95 -16.54 -19.23 10.98
C LEU B 95 -17.99 -18.75 10.87
N VAL B 96 -18.26 -17.82 9.97
CA VAL B 96 -19.62 -17.42 9.63
C VAL B 96 -19.97 -18.08 8.30
N GLN B 97 -21.02 -18.90 8.29
CA GLN B 97 -21.44 -19.57 7.07
C GLN B 97 -22.29 -18.65 6.19
N ARG B 98 -23.20 -17.90 6.78
CA ARG B 98 -24.07 -17.01 6.03
C ARG B 98 -24.40 -15.79 6.87
N VAL B 99 -24.57 -14.66 6.19
CA VAL B 99 -25.00 -13.41 6.80
C VAL B 99 -26.08 -12.80 5.92
N ILE B 100 -27.12 -12.28 6.57
CA ILE B 100 -28.26 -11.68 5.88
C ILE B 100 -28.68 -10.44 6.67
N TYR B 101 -28.92 -9.35 5.95
CA TYR B 101 -29.38 -8.10 6.55
C TYR B 101 -30.76 -7.75 6.01
N TYR B 102 -31.64 -7.34 6.89
CA TYR B 102 -32.94 -6.76 6.54
C TYR B 102 -33.01 -5.37 7.13
N ASP B 103 -33.46 -4.40 6.34
CA ASP B 103 -33.60 -3.03 6.82
C ASP B 103 -34.95 -2.86 7.52
N PRO B 104 -35.20 -1.69 8.12
CA PRO B 104 -36.48 -1.50 8.82
C PRO B 104 -37.71 -1.85 7.99
N ASP B 105 -37.66 -1.65 6.67
CA ASP B 105 -38.78 -2.00 5.80
C ASP B 105 -38.82 -3.48 5.47
N ASN B 106 -37.99 -4.30 6.12
CA ASN B 106 -37.89 -5.73 5.86
C ASN B 106 -37.39 -6.01 4.44
N GLN B 107 -36.69 -5.05 3.84
CA GLN B 107 -36.05 -5.28 2.55
C GLN B 107 -34.69 -5.92 2.76
N ARG B 108 -34.41 -6.96 1.98
CA ARG B 108 -33.14 -7.66 2.10
C ARG B 108 -32.04 -6.88 1.38
N HIS B 109 -30.91 -6.70 2.07
CA HIS B 109 -29.71 -6.15 1.42
C HIS B 109 -28.75 -7.31 1.18
N THR B 110 -27.62 -7.34 1.87
CA THR B 110 -26.65 -8.40 1.65
C THR B 110 -27.20 -9.74 2.11
N GLU B 111 -27.00 -10.77 1.28
CA GLU B 111 -27.28 -12.16 1.65
C GLU B 111 -26.19 -13.00 0.99
N THR B 112 -25.18 -13.38 1.76
CA THR B 112 -24.05 -14.09 1.16
C THR B 112 -23.34 -14.91 2.23
N SER B 113 -22.33 -15.65 1.78
CA SER B 113 -21.56 -16.51 2.66
C SER B 113 -20.46 -15.70 3.36
N GLY B 114 -19.86 -16.33 4.38
CA GLY B 114 -18.80 -15.66 5.11
C GLY B 114 -17.55 -15.47 4.26
N TRP B 115 -17.19 -16.47 3.46
CA TRP B 115 -15.95 -16.36 2.68
C TRP B 115 -16.07 -15.31 1.59
N HIS B 116 -17.25 -15.15 0.99
CA HIS B 116 -17.41 -14.11 -0.02
C HIS B 116 -17.36 -12.73 0.60
N LEU B 117 -18.06 -12.54 1.72
CA LEU B 117 -18.00 -11.27 2.43
C LEU B 117 -16.54 -10.92 2.75
N HIS B 118 -15.77 -11.89 3.24
CA HIS B 118 -14.39 -11.62 3.57
C HIS B 118 -13.57 -11.23 2.34
N PHE B 119 -13.77 -11.94 1.23
CA PHE B 119 -13.03 -11.61 0.02
C PHE B 119 -13.37 -10.20 -0.47
N VAL B 120 -14.62 -9.77 -0.30
CA VAL B 120 -14.98 -8.40 -0.67
C VAL B 120 -14.33 -7.41 0.28
N ASN B 121 -14.30 -7.71 1.59
CA ASN B 121 -13.59 -6.87 2.53
C ASN B 121 -12.13 -6.71 2.09
N THR B 122 -11.52 -7.80 1.63
CA THR B 122 -10.14 -7.74 1.14
C THR B 122 -10.04 -6.87 -0.11
N ALA B 123 -10.93 -7.10 -1.08
CA ALA B 123 -10.89 -6.32 -2.31
C ALA B 123 -11.06 -4.83 -2.01
N LYS B 124 -11.92 -4.49 -1.05
CA LYS B 124 -12.17 -3.09 -0.76
C LYS B 124 -11.00 -2.46 0.00
N GLN B 125 -10.26 -3.24 0.79
CA GLN B 125 -9.12 -2.67 1.50
C GLN B 125 -7.91 -2.51 0.59
N GLY B 126 -7.80 -3.34 -0.45
CA GLY B 126 -6.61 -3.37 -1.27
C GLY B 126 -5.54 -4.31 -0.76
N ALA B 127 -5.85 -5.12 0.24
CA ALA B 127 -4.93 -6.09 0.79
C ALA B 127 -5.73 -7.04 1.68
N PRO B 128 -5.18 -8.20 2.03
CA PRO B 128 -5.92 -9.12 2.90
C PRO B 128 -6.48 -8.40 4.11
N PHE B 129 -7.78 -8.55 4.31
CA PHE B 129 -8.53 -7.75 5.28
C PHE B 129 -7.92 -7.85 6.67
N LEU B 130 -7.58 -6.69 7.23
CA LEU B 130 -7.06 -6.57 8.59
C LEU B 130 -5.80 -7.42 8.82
N SER B 131 -5.02 -7.64 7.76
CA SER B 131 -3.80 -8.42 7.91
C SER B 131 -2.65 -7.55 8.41
N SER B 132 -1.61 -8.22 8.91
CA SER B 132 -0.38 -7.57 9.32
C SER B 132 0.70 -7.86 8.28
N MET B 133 1.19 -6.82 7.63
CA MET B 133 2.26 -6.95 6.65
C MET B 133 3.59 -7.21 7.33
N VAL B 134 4.44 -7.99 6.68
CA VAL B 134 5.76 -8.34 7.19
C VAL B 134 6.77 -7.37 6.58
N THR B 135 7.63 -6.81 7.43
CA THR B 135 8.68 -5.90 6.97
C THR B 135 9.98 -6.20 7.69
N ASP B 136 11.04 -5.54 7.26
CA ASP B 136 12.37 -5.66 7.85
C ASP B 136 12.58 -4.72 9.04
N SER B 137 11.52 -4.09 9.52
CA SER B 137 11.67 -3.09 10.57
C SER B 137 12.21 -3.73 11.84
N PRO B 138 13.28 -3.21 12.44
CA PRO B 138 13.70 -3.73 13.75
C PRO B 138 12.76 -3.34 14.87
N ILE B 139 12.04 -2.22 14.75
CA ILE B 139 11.00 -1.90 15.70
C ILE B 139 9.93 -2.99 15.64
N LYS B 140 9.48 -3.45 16.81
CA LYS B 140 8.70 -4.69 16.89
C LYS B 140 7.23 -4.44 16.51
N TYR B 141 7.05 -3.91 15.30
CA TYR B 141 5.78 -4.02 14.62
C TYR B 141 5.51 -5.47 14.27
N GLY B 142 4.28 -5.74 13.84
CA GLY B 142 3.96 -7.04 13.29
C GLY B 142 2.65 -7.59 13.80
N ASP B 143 2.57 -8.91 13.88
CA ASP B 143 1.38 -9.60 14.38
C ASP B 143 1.46 -9.58 15.91
N VAL B 144 1.06 -8.43 16.47
CA VAL B 144 1.06 -8.24 17.91
C VAL B 144 -0.27 -8.64 18.52
N MET B 145 -1.37 -8.24 17.90
CA MET B 145 -2.70 -8.34 18.49
C MET B 145 -3.55 -9.47 17.93
N ASN B 146 -3.06 -10.17 16.90
CA ASN B 146 -3.75 -11.33 16.34
C ASN B 146 -5.20 -11.01 15.99
N VAL B 147 -5.40 -9.91 15.26
CA VAL B 147 -6.75 -9.45 14.92
C VAL B 147 -7.51 -10.53 14.18
N ILE B 148 -6.90 -11.09 13.14
CA ILE B 148 -7.43 -12.26 12.44
C ILE B 148 -6.36 -13.33 12.52
N ASP B 149 -6.69 -14.47 13.12
CA ASP B 149 -5.69 -15.44 13.52
C ASP B 149 -6.31 -16.83 13.63
N ALA B 150 -5.54 -17.84 13.25
CA ALA B 150 -5.94 -19.23 13.41
C ALA B 150 -4.70 -20.11 13.31
N PRO B 151 -4.51 -21.08 14.20
CA PRO B 151 -3.36 -21.96 14.08
C PRO B 151 -3.39 -22.77 12.79
N ALA B 152 -2.23 -22.85 12.12
CA ALA B 152 -2.14 -23.57 10.86
C ALA B 152 -2.56 -25.03 11.01
N THR B 153 -2.28 -25.63 12.17
CA THR B 153 -2.68 -27.00 12.45
C THR B 153 -3.09 -27.10 13.91
N ILE B 154 -3.94 -28.08 14.20
CA ILE B 154 -4.32 -28.43 15.57
C ILE B 154 -3.96 -29.89 15.75
N ALA B 155 -2.98 -30.16 16.61
CA ALA B 155 -2.53 -31.52 16.84
C ALA B 155 -3.58 -32.31 17.64
N ALA B 156 -3.47 -33.63 17.54
CA ALA B 156 -4.32 -34.52 18.32
C ALA B 156 -4.23 -34.19 19.80
N GLY B 157 -5.37 -33.94 20.42
CA GLY B 157 -5.42 -33.55 21.82
C GLY B 157 -5.25 -32.07 22.08
N ALA B 158 -4.97 -31.26 21.05
CA ALA B 158 -4.68 -29.85 21.24
C ALA B 158 -5.95 -29.01 21.05
N THR B 159 -5.90 -27.79 21.57
CA THR B 159 -6.96 -26.81 21.44
C THR B 159 -6.39 -25.55 20.80
N GLY B 160 -7.06 -25.06 19.77
CA GLY B 160 -6.65 -23.86 19.07
C GLY B 160 -7.65 -22.74 19.24
N GLU B 161 -7.16 -21.50 19.20
CA GLU B 161 -7.97 -20.31 19.36
C GLU B 161 -8.00 -19.53 18.05
N LEU B 162 -9.20 -19.15 17.63
CA LEU B 162 -9.40 -18.46 16.36
C LEU B 162 -10.04 -17.10 16.60
N THR B 163 -9.67 -16.13 15.76
CA THR B 163 -10.30 -14.82 15.74
C THR B 163 -10.52 -14.41 14.30
N MET B 164 -11.71 -13.89 14.01
CA MET B 164 -12.09 -13.48 12.67
C MET B 164 -12.92 -12.22 12.75
N TYR B 165 -12.79 -11.36 11.74
CA TYR B 165 -13.54 -10.13 11.64
C TYR B 165 -14.18 -10.03 10.27
N TYR B 166 -15.47 -9.68 10.24
CA TYR B 166 -16.21 -9.40 9.02
C TYR B 166 -16.74 -7.97 9.10
N TRP B 167 -16.71 -7.26 7.98
CA TRP B 167 -17.42 -6.00 7.85
C TRP B 167 -18.63 -6.24 6.95
N VAL B 168 -19.83 -6.07 7.52
CA VAL B 168 -21.06 -6.18 6.76
C VAL B 168 -21.43 -4.79 6.28
N PRO B 169 -21.23 -4.44 5.01
CA PRO B 169 -21.50 -3.07 4.57
C PRO B 169 -22.96 -2.84 4.23
N LEU B 170 -23.46 -1.68 4.64
CA LEU B 170 -24.66 -1.09 4.06
C LEU B 170 -24.27 0.03 3.10
N ALA B 171 -23.65 1.08 3.63
CA ALA B 171 -23.02 2.09 2.77
C ALA B 171 -21.85 1.46 2.02
N TYR B 172 -21.58 1.98 0.82
CA TYR B 172 -20.51 1.44 0.00
C TYR B 172 -19.14 1.68 0.66
N SER B 173 -18.96 2.82 1.29
CA SER B 173 -17.69 3.16 1.93
C SER B 173 -17.95 4.22 2.98
N GLU B 174 -16.88 4.67 3.64
CA GLU B 174 -17.02 5.69 4.68
C GLU B 174 -17.35 7.05 4.10
N THR B 175 -17.13 7.27 2.79
CA THR B 175 -17.40 8.53 2.14
C THR B 175 -18.48 8.44 1.07
N ASP B 176 -18.95 7.24 0.73
CA ASP B 176 -20.01 7.06 -0.26
C ASP B 176 -21.16 6.34 0.44
N LEU B 177 -22.20 7.09 0.80
CA LEU B 177 -23.31 6.56 1.58
C LEU B 177 -24.32 5.81 0.72
N THR B 178 -24.03 5.57 -0.56
CA THR B 178 -24.87 4.72 -1.37
C THR B 178 -25.05 3.38 -0.69
N GLY B 179 -26.29 3.04 -0.35
CA GLY B 179 -26.61 1.80 0.32
C GLY B 179 -26.84 1.92 1.80
N ALA B 180 -26.55 3.07 2.40
CA ALA B 180 -26.80 3.26 3.82
C ALA B 180 -28.30 3.15 4.11
N VAL B 181 -28.62 3.00 5.39
CA VAL B 181 -29.99 2.73 5.82
C VAL B 181 -30.39 3.76 6.86
N LEU B 182 -31.56 4.37 6.67
CA LEU B 182 -32.12 5.33 7.61
C LEU B 182 -32.97 4.56 8.62
N ALA B 183 -32.55 4.55 9.88
CA ALA B 183 -33.16 3.74 10.92
C ALA B 183 -33.71 4.67 12.00
N ASN B 184 -34.80 5.37 11.68
CA ASN B 184 -35.45 6.26 12.62
C ASN B 184 -36.88 5.85 12.97
N VAL B 185 -37.41 4.81 12.32
CA VAL B 185 -38.82 4.45 12.47
C VAL B 185 -38.94 3.44 13.59
N PRO B 186 -39.75 3.69 14.62
CA PRO B 186 -40.10 2.63 15.57
C PRO B 186 -40.96 1.56 14.91
N GLN B 187 -41.05 0.42 15.59
CA GLN B 187 -41.59 -0.80 14.99
C GLN B 187 -40.72 -1.25 13.81
N SER B 188 -39.43 -0.97 13.90
CA SER B 188 -38.51 -1.33 12.82
C SER B 188 -38.20 -2.83 12.87
N LYS B 189 -38.09 -3.43 11.69
CA LYS B 189 -37.71 -4.83 11.55
C LYS B 189 -36.26 -5.00 11.11
N GLN B 190 -35.38 -4.10 11.55
CA GLN B 190 -33.97 -4.23 11.22
C GLN B 190 -33.41 -5.49 11.86
N ARG B 191 -32.81 -6.35 11.04
CA ARG B 191 -32.44 -7.70 11.45
C ARG B 191 -31.13 -8.06 10.76
N LEU B 192 -30.14 -8.45 11.55
CA LEU B 192 -28.89 -8.98 11.04
C LEU B 192 -28.81 -10.44 11.47
N LYS B 193 -28.99 -11.35 10.52
CA LYS B 193 -28.97 -12.77 10.80
C LYS B 193 -27.58 -13.34 10.52
N LEU B 194 -27.04 -14.06 11.50
CA LEU B 194 -25.73 -14.69 11.40
C LEU B 194 -25.91 -16.19 11.58
N GLU B 195 -25.45 -16.95 10.59
CA GLU B 195 -25.42 -18.41 10.65
C GLU B 195 -23.95 -18.81 10.77
N PHE B 196 -23.58 -19.29 11.95
CA PHE B 196 -22.20 -19.62 12.24
C PHE B 196 -21.88 -21.06 11.84
N ALA B 197 -20.59 -21.37 11.82
CA ALA B 197 -20.14 -22.73 11.65
C ALA B 197 -20.55 -23.57 12.86
N ASN B 198 -20.65 -24.88 12.63
CA ASN B 198 -20.92 -25.82 13.71
C ASN B 198 -20.03 -27.04 13.49
N ASN B 199 -20.25 -28.06 14.31
CA ASN B 199 -19.37 -29.23 14.30
C ASN B 199 -19.55 -30.09 13.06
N ASN B 200 -20.53 -29.79 12.21
CA ASN B 200 -20.69 -30.49 10.94
C ASN B 200 -20.04 -29.75 9.78
N THR B 201 -20.14 -28.42 9.73
CA THR B 201 -19.61 -27.67 8.60
C THR B 201 -18.12 -27.38 8.75
N ALA B 202 -17.64 -27.21 9.99
CA ALA B 202 -16.30 -26.66 10.20
C ALA B 202 -15.18 -27.64 9.93
N PHE B 203 -15.46 -28.94 9.89
CA PHE B 203 -14.41 -29.96 9.88
C PHE B 203 -14.68 -30.95 8.77
N ALA B 204 -13.72 -31.08 7.85
CA ALA B 204 -13.85 -31.93 6.67
C ALA B 204 -12.85 -33.07 6.76
N ALA B 205 -13.33 -34.29 6.53
CA ALA B 205 -12.45 -35.45 6.50
C ALA B 205 -11.55 -35.39 5.26
N VAL B 206 -10.51 -36.23 5.27
CA VAL B 206 -9.65 -36.33 4.11
C VAL B 206 -10.50 -36.76 2.91
N GLY B 207 -10.29 -36.10 1.78
CA GLY B 207 -11.03 -36.40 0.57
C GLY B 207 -12.36 -35.69 0.44
N ALA B 208 -12.90 -35.12 1.51
CA ALA B 208 -14.15 -34.40 1.45
C ALA B 208 -13.93 -32.98 0.93
N ASN B 209 -15.02 -32.31 0.58
CA ASN B 209 -14.95 -30.96 0.02
C ASN B 209 -14.63 -29.95 1.10
N PRO B 210 -13.51 -29.24 1.02
CA PRO B 210 -13.15 -28.27 2.09
C PRO B 210 -13.71 -26.87 1.91
N LEU B 211 -14.59 -26.65 0.93
CA LEU B 211 -15.08 -25.30 0.63
C LEU B 211 -15.55 -24.58 1.88
N GLU B 212 -16.47 -25.19 2.62
CA GLU B 212 -17.15 -24.55 3.75
C GLU B 212 -16.47 -24.80 5.09
N ALA B 213 -15.44 -25.65 5.12
CA ALA B 213 -14.84 -26.05 6.37
C ALA B 213 -13.70 -25.12 6.77
N ILE B 214 -13.37 -25.14 8.06
CA ILE B 214 -12.26 -24.38 8.61
C ILE B 214 -11.00 -25.23 8.68
N TYR B 215 -11.13 -26.49 9.08
CA TYR B 215 -10.01 -27.42 9.18
C TYR B 215 -10.34 -28.71 8.42
N GLN B 216 -9.28 -29.34 7.92
CA GLN B 216 -9.40 -30.60 7.20
C GLN B 216 -8.22 -31.49 7.60
N GLY B 217 -8.46 -32.78 7.62
CA GLY B 217 -7.41 -33.72 7.98
C GLY B 217 -7.98 -35.01 8.52
N ALA B 218 -7.07 -35.94 8.82
CA ALA B 218 -7.44 -37.27 9.28
C ALA B 218 -8.03 -37.26 10.68
N GLY B 219 -7.91 -36.17 11.41
CA GLY B 219 -8.52 -36.04 12.72
C GLY B 219 -9.85 -35.32 12.74
N ALA B 220 -10.41 -35.01 11.56
CA ALA B 220 -11.55 -34.09 11.50
C ALA B 220 -12.77 -34.64 12.23
N ALA B 221 -12.98 -35.95 12.18
CA ALA B 221 -14.20 -36.52 12.75
C ALA B 221 -14.30 -36.25 14.25
N ASP B 222 -13.18 -36.10 14.93
CA ASP B 222 -13.16 -35.89 16.38
C ASP B 222 -12.91 -34.44 16.78
N CYS B 223 -13.04 -33.50 15.83
CA CYS B 223 -12.90 -32.09 16.14
C CYS B 223 -14.26 -31.51 16.55
N GLU B 224 -14.23 -30.63 17.54
CA GLU B 224 -15.45 -29.99 18.03
C GLU B 224 -15.12 -28.59 18.50
N PHE B 225 -16.11 -27.70 18.36
CA PHE B 225 -16.01 -26.39 18.99
C PHE B 225 -16.16 -26.55 20.50
N GLU B 226 -15.27 -25.90 21.25
CA GLU B 226 -15.52 -25.71 22.68
C GLU B 226 -16.49 -24.55 22.90
N GLU B 227 -16.36 -23.49 22.12
CA GLU B 227 -17.24 -22.35 22.22
C GLU B 227 -17.01 -21.46 21.01
N ILE B 228 -18.04 -20.67 20.68
CA ILE B 228 -17.91 -19.56 19.76
C ILE B 228 -18.46 -18.33 20.47
N SER B 229 -17.81 -17.19 20.24
CA SER B 229 -18.28 -15.91 20.75
C SER B 229 -18.33 -14.92 19.60
N TYR B 230 -19.33 -14.05 19.60
CA TYR B 230 -19.41 -12.99 18.61
C TYR B 230 -19.75 -11.68 19.31
N THR B 231 -19.26 -10.59 18.73
CA THR B 231 -19.59 -9.23 19.13
C THR B 231 -19.89 -8.43 17.88
N VAL B 232 -21.05 -7.78 17.85
CA VAL B 232 -21.48 -6.98 16.72
C VAL B 232 -21.34 -5.51 17.11
N TYR B 233 -20.60 -4.76 16.31
CA TYR B 233 -20.50 -3.32 16.42
C TYR B 233 -21.29 -2.70 15.28
N GLN B 234 -22.05 -1.65 15.58
CA GLN B 234 -22.83 -0.93 14.60
C GLN B 234 -22.19 0.43 14.34
N SER B 235 -21.92 0.72 13.07
CA SER B 235 -21.38 2.00 12.66
C SER B 235 -22.49 2.82 12.03
N TYR B 236 -22.70 4.03 12.56
CA TYR B 236 -23.78 4.87 12.07
C TYR B 236 -23.42 6.34 12.26
N LEU B 237 -24.27 7.21 11.73
CA LEU B 237 -24.11 8.65 11.83
C LEU B 237 -25.22 9.21 12.71
N ASP B 238 -24.84 9.93 13.76
CA ASP B 238 -25.77 10.61 14.64
C ASP B 238 -25.71 12.11 14.40
N GLN B 239 -26.65 12.84 15.01
CA GLN B 239 -26.69 14.29 14.94
C GLN B 239 -26.82 14.76 13.48
N LEU B 240 -27.82 14.22 12.80
CA LEU B 240 -28.00 14.57 11.39
C LEU B 240 -28.38 16.04 11.27
N PRO B 241 -27.89 16.74 10.24
CA PRO B 241 -28.19 18.17 10.12
C PRO B 241 -29.62 18.41 9.66
N VAL B 242 -30.21 19.49 10.18
CA VAL B 242 -31.57 19.90 9.85
C VAL B 242 -31.50 21.25 9.16
N GLY B 243 -32.23 21.38 8.05
CA GLY B 243 -32.29 22.60 7.30
C GLY B 243 -33.67 23.24 7.33
N GLN B 244 -33.84 24.27 6.50
CA GLN B 244 -35.11 24.97 6.42
C GLN B 244 -36.24 24.01 6.07
N ASN B 245 -36.10 23.30 4.94
CA ASN B 245 -37.14 22.37 4.51
C ASN B 245 -37.23 21.14 5.39
N GLY B 246 -36.18 20.79 6.11
CA GLY B 246 -36.19 19.63 6.98
C GLY B 246 -34.82 18.99 7.03
N TYR B 247 -34.82 17.69 7.37
CA TYR B 247 -33.57 16.95 7.44
C TYR B 247 -32.88 16.92 6.08
N ILE B 248 -31.57 17.19 6.08
CA ILE B 248 -30.77 17.13 4.88
C ILE B 248 -30.32 15.69 4.68
N LEU B 249 -30.84 15.04 3.63
CA LEU B 249 -30.59 13.62 3.40
C LEU B 249 -30.33 13.35 1.93
N PRO B 250 -29.35 12.46 1.61
CA PRO B 250 -29.15 12.06 0.22
C PRO B 250 -30.17 11.01 -0.22
N LEU B 251 -31.23 11.45 -0.89
CA LEU B 251 -32.36 10.57 -1.18
C LEU B 251 -31.96 9.40 -2.06
N ILE B 252 -31.10 9.64 -3.05
CA ILE B 252 -30.68 8.56 -3.94
C ILE B 252 -29.85 7.54 -3.17
N ASP B 253 -28.91 8.01 -2.35
CA ASP B 253 -28.08 7.09 -1.56
C ASP B 253 -28.94 6.17 -0.71
N LEU B 254 -29.89 6.76 0.02
CA LEU B 254 -30.70 6.00 0.98
C LEU B 254 -31.79 5.17 0.32
N SER B 255 -32.07 5.39 -0.97
CA SER B 255 -33.02 4.58 -1.69
C SER B 255 -32.33 3.56 -2.60
N THR B 256 -31.01 3.44 -2.49
CA THR B 256 -30.23 2.48 -3.25
C THR B 256 -29.79 1.35 -2.33
N LEU B 257 -29.81 0.12 -2.87
CA LEU B 257 -29.32 -1.05 -2.15
C LEU B 257 -27.91 -1.37 -2.62
N TYR B 258 -26.99 -1.50 -1.67
CA TYR B 258 -25.65 -2.03 -1.92
C TYR B 258 -25.60 -3.41 -1.29
N ASN B 259 -25.60 -4.44 -2.14
CA ASN B 259 -25.76 -5.82 -1.69
C ASN B 259 -24.61 -6.68 -2.15
N LEU B 260 -24.27 -7.66 -1.31
CA LEU B 260 -23.44 -8.78 -1.69
C LEU B 260 -24.32 -10.02 -1.76
N GLU B 261 -24.19 -10.78 -2.84
CA GLU B 261 -24.95 -12.02 -3.01
C GLU B 261 -24.06 -13.04 -3.69
N ASN B 262 -24.36 -14.31 -3.45
CA ASN B 262 -23.64 -15.40 -4.10
C ASN B 262 -24.63 -16.44 -4.59
N SER B 263 -24.20 -17.19 -5.61
CA SER B 263 -25.01 -18.25 -6.19
C SER B 263 -24.08 -19.36 -6.64
N ALA B 264 -24.67 -20.51 -6.96
CA ALA B 264 -23.94 -21.67 -7.43
C ALA B 264 -24.40 -22.00 -8.85
N GLN B 265 -23.47 -22.47 -9.67
CA GLN B 265 -23.74 -22.77 -11.06
C GLN B 265 -23.03 -24.06 -11.43
N ALA B 266 -23.71 -24.91 -12.22
CA ALA B 266 -23.16 -26.19 -12.62
C ALA B 266 -23.42 -26.41 -14.10
N GLY B 267 -22.74 -27.41 -14.65
CA GLY B 267 -22.87 -27.72 -16.07
C GLY B 267 -21.61 -27.42 -16.85
N LEU B 268 -20.46 -27.53 -16.21
CA LEU B 268 -19.19 -27.27 -16.88
C LEU B 268 -18.72 -28.52 -17.61
N THR B 269 -18.15 -28.32 -18.79
CA THR B 269 -17.59 -29.41 -19.58
C THR B 269 -16.30 -28.93 -20.22
N PRO B 270 -15.29 -29.79 -20.32
CA PRO B 270 -13.96 -29.31 -20.75
C PRO B 270 -14.00 -28.61 -22.09
N ASN B 271 -13.18 -27.56 -22.20
CA ASN B 271 -12.89 -26.83 -23.43
C ASN B 271 -14.09 -26.08 -23.99
N VAL B 272 -15.20 -26.01 -23.24
CA VAL B 272 -16.39 -25.28 -23.66
C VAL B 272 -16.55 -24.07 -22.76
N ASP B 273 -16.95 -22.95 -23.36
CA ASP B 273 -17.25 -21.75 -22.58
C ASP B 273 -18.44 -22.01 -21.67
N PHE B 274 -18.23 -21.84 -20.38
CA PHE B 274 -19.29 -21.85 -19.38
C PHE B 274 -19.59 -20.39 -19.05
N VAL B 275 -20.80 -19.94 -19.39
CA VAL B 275 -21.18 -18.55 -19.29
C VAL B 275 -22.18 -18.39 -18.16
N VAL B 276 -21.92 -17.46 -17.25
CA VAL B 276 -22.84 -17.07 -16.20
C VAL B 276 -23.30 -15.65 -16.52
N GLN B 277 -24.55 -15.52 -16.92
CA GLN B 277 -25.06 -14.23 -17.37
C GLN B 277 -25.27 -13.30 -16.17
N TYR B 278 -25.03 -12.02 -16.40
CA TYR B 278 -25.39 -10.99 -15.44
C TYR B 278 -26.85 -10.59 -15.64
N ALA B 279 -27.59 -10.48 -14.55
CA ALA B 279 -28.95 -9.97 -14.63
C ALA B 279 -28.94 -8.51 -15.05
N ASN B 280 -30.11 -8.00 -15.40
CA ASN B 280 -30.28 -6.61 -15.79
C ASN B 280 -30.84 -5.81 -14.62
N LEU B 281 -30.64 -4.50 -14.70
CA LEU B 281 -31.05 -3.51 -13.70
C LEU B 281 -30.16 -3.55 -12.46
N TYR B 282 -29.21 -4.47 -12.37
CA TYR B 282 -28.20 -4.49 -11.33
C TYR B 282 -26.92 -3.86 -11.87
N ARG B 283 -26.31 -2.98 -11.08
CA ARG B 283 -25.01 -2.39 -11.41
C ARG B 283 -23.94 -3.20 -10.68
N TYR B 284 -23.37 -4.17 -11.37
CA TYR B 284 -22.40 -5.07 -10.77
C TYR B 284 -21.06 -4.36 -10.60
N LEU B 285 -20.58 -4.28 -9.36
CA LEU B 285 -19.32 -3.62 -9.05
C LEU B 285 -18.14 -4.58 -9.05
N SER B 286 -18.36 -5.83 -8.64
CA SER B 286 -17.28 -6.81 -8.61
C SER B 286 -17.87 -8.21 -8.76
N THR B 287 -17.04 -9.11 -9.26
CA THR B 287 -17.43 -10.50 -9.46
C THR B 287 -16.34 -11.39 -8.88
N ILE B 288 -16.74 -12.39 -8.10
CA ILE B 288 -15.84 -13.42 -7.61
C ILE B 288 -16.37 -14.76 -8.11
N ALA B 289 -15.47 -15.58 -8.65
CA ALA B 289 -15.80 -16.90 -9.16
C ALA B 289 -14.87 -17.89 -8.49
N VAL B 290 -15.44 -18.89 -7.81
CA VAL B 290 -14.68 -19.95 -7.17
C VAL B 290 -14.95 -21.23 -7.95
N PHE B 291 -13.90 -21.83 -8.51
CA PHE B 291 -14.02 -23.05 -9.29
C PHE B 291 -13.88 -24.21 -8.32
N ASP B 292 -15.01 -24.63 -7.74
CA ASP B 292 -15.08 -25.82 -6.90
C ASP B 292 -15.08 -27.02 -7.83
N ASN B 293 -13.89 -27.52 -8.15
CA ASN B 293 -13.74 -28.59 -9.13
C ASN B 293 -13.85 -29.93 -8.43
N GLY B 294 -15.07 -30.21 -7.95
CA GLY B 294 -15.35 -31.44 -7.23
C GLY B 294 -14.52 -31.62 -5.98
N GLY B 295 -14.41 -30.56 -5.17
CA GLY B 295 -13.64 -30.61 -3.96
C GLY B 295 -12.17 -30.32 -4.13
N SER B 296 -11.68 -30.21 -5.36
CA SER B 296 -10.29 -29.86 -5.64
C SER B 296 -10.22 -28.39 -6.04
N PHE B 297 -9.26 -27.67 -5.45
CA PHE B 297 -9.05 -26.25 -5.73
C PHE B 297 -7.64 -26.09 -6.27
N ASN B 298 -7.53 -25.73 -7.54
CA ASN B 298 -6.27 -25.67 -8.24
C ASN B 298 -5.90 -24.24 -8.58
N ALA B 299 -4.60 -23.99 -8.71
CA ALA B 299 -4.08 -22.66 -9.01
C ALA B 299 -4.07 -22.46 -10.54
N GLY B 300 -5.28 -22.35 -11.09
CA GLY B 300 -5.47 -22.03 -12.49
C GLY B 300 -5.16 -23.11 -13.49
N THR B 301 -4.52 -24.22 -13.07
CA THR B 301 -4.10 -25.24 -14.02
C THR B 301 -5.27 -26.01 -14.63
N ASP B 302 -6.47 -25.87 -14.08
CA ASP B 302 -7.64 -26.53 -14.62
C ASP B 302 -8.55 -25.59 -15.40
N ILE B 303 -8.04 -24.42 -15.79
CA ILE B 303 -8.80 -23.44 -16.56
C ILE B 303 -8.01 -23.06 -17.80
N ASN B 304 -8.71 -22.93 -18.94
CA ASN B 304 -8.08 -22.42 -20.15
C ASN B 304 -7.99 -20.90 -20.11
N TYR B 305 -9.10 -20.24 -19.82
CA TYR B 305 -9.13 -18.79 -19.72
C TYR B 305 -10.43 -18.38 -19.05
N LEU B 306 -10.45 -17.14 -18.56
CA LEU B 306 -11.63 -16.50 -18.02
C LEU B 306 -11.89 -15.23 -18.82
N SER B 307 -13.10 -14.71 -18.74
CA SER B 307 -13.43 -13.51 -19.51
C SER B 307 -14.73 -12.92 -19.04
N GLN B 308 -14.94 -11.66 -19.43
CA GLN B 308 -16.24 -11.01 -19.45
C GLN B 308 -16.59 -10.72 -20.91
N ARG B 309 -17.84 -10.98 -21.28
CA ARG B 309 -18.23 -11.00 -22.68
C ARG B 309 -19.57 -10.31 -22.87
N THR B 310 -19.69 -9.56 -23.96
CA THR B 310 -20.92 -8.90 -24.37
C THR B 310 -21.68 -9.80 -25.35
N ALA B 311 -22.96 -9.50 -25.54
CA ALA B 311 -23.81 -10.26 -26.43
C ALA B 311 -23.12 -10.59 -27.76
N ASN B 312 -22.68 -9.55 -28.47
CA ASN B 312 -21.93 -9.75 -29.71
C ASN B 312 -20.70 -8.84 -29.80
N PHE B 313 -20.39 -8.09 -28.75
CA PHE B 313 -19.20 -7.24 -28.73
C PHE B 313 -17.94 -8.00 -28.29
N SER B 314 -17.99 -9.33 -28.27
CA SER B 314 -16.84 -10.17 -27.95
C SER B 314 -16.35 -9.98 -26.53
N ASP B 315 -15.12 -10.41 -26.26
CA ASP B 315 -14.56 -10.42 -24.92
C ASP B 315 -13.77 -9.13 -24.67
N THR B 316 -14.10 -8.44 -23.59
CA THR B 316 -13.35 -7.23 -23.22
C THR B 316 -12.11 -7.53 -22.41
N ARG B 317 -11.98 -8.75 -21.86
CA ARG B 317 -10.77 -9.14 -21.15
C ARG B 317 -10.69 -10.66 -21.05
N LYS B 318 -10.36 -11.31 -22.17
CA LYS B 318 -10.21 -12.76 -22.23
C LYS B 318 -8.74 -13.11 -21.95
N LEU B 319 -8.49 -13.72 -20.80
CA LEU B 319 -7.13 -13.88 -20.31
C LEU B 319 -6.91 -15.28 -19.76
N ASP B 320 -5.67 -15.75 -19.88
CA ASP B 320 -5.28 -16.97 -19.21
C ASP B 320 -5.28 -16.74 -17.70
N PRO B 321 -5.31 -17.82 -16.90
CA PRO B 321 -5.41 -17.63 -15.44
C PRO B 321 -4.29 -16.79 -14.84
N LYS B 322 -3.04 -16.96 -15.29
CA LYS B 322 -1.94 -16.23 -14.68
C LYS B 322 -2.06 -14.73 -14.96
N THR B 323 -2.48 -14.35 -16.18
CA THR B 323 -2.65 -12.94 -16.48
C THR B 323 -3.85 -12.37 -15.75
N TRP B 324 -4.92 -13.16 -15.63
CA TRP B 324 -6.05 -12.76 -14.79
C TRP B 324 -5.58 -12.49 -13.37
N ALA B 325 -4.77 -13.41 -12.82
CA ALA B 325 -4.26 -13.23 -11.46
C ALA B 325 -3.34 -12.02 -11.37
N ALA B 326 -2.66 -11.67 -12.46
CA ALA B 326 -1.79 -10.50 -12.45
C ALA B 326 -2.60 -9.24 -12.19
N GLN B 327 -3.76 -9.10 -12.83
CA GLN B 327 -4.62 -7.95 -12.59
C GLN B 327 -5.09 -7.91 -11.15
N THR B 328 -5.41 -9.08 -10.58
CA THR B 328 -5.80 -9.13 -9.17
C THR B 328 -4.65 -8.69 -8.27
N ARG B 329 -3.42 -9.11 -8.61
CA ARG B 329 -2.28 -8.69 -7.81
C ARG B 329 -2.14 -7.17 -7.78
N ARG B 330 -2.58 -6.50 -8.85
CA ARG B 330 -2.56 -5.04 -8.83
CA ARG B 330 -2.59 -5.03 -8.87
C ARG B 330 -3.64 -4.47 -7.91
N ARG B 331 -4.68 -5.24 -7.61
CA ARG B 331 -5.79 -4.79 -6.78
C ARG B 331 -5.55 -5.03 -5.30
N ILE B 332 -5.05 -6.21 -4.91
CA ILE B 332 -4.95 -6.59 -3.50
C ILE B 332 -3.53 -6.98 -3.11
N ALA B 333 -2.55 -6.75 -3.98
CA ALA B 333 -1.14 -6.96 -3.68
C ALA B 333 -0.80 -8.41 -3.43
N THR B 334 -1.65 -9.33 -3.83
CA THR B 334 -1.41 -10.75 -3.65
C THR B 334 -2.45 -11.52 -4.44
N ASP B 335 -2.38 -12.84 -4.36
CA ASP B 335 -3.38 -13.71 -4.97
C ASP B 335 -4.44 -14.08 -3.95
N PHE B 336 -5.68 -14.26 -4.44
CA PHE B 336 -6.70 -14.93 -3.66
C PHE B 336 -6.35 -16.41 -3.54
N PRO B 337 -6.98 -17.12 -2.60
CA PRO B 337 -6.66 -18.55 -2.45
C PRO B 337 -6.98 -19.33 -3.71
N LYS B 338 -6.41 -20.54 -3.78
CA LYS B 338 -6.53 -21.39 -4.96
C LYS B 338 -7.98 -21.53 -5.40
N GLY B 339 -8.22 -21.35 -6.70
CA GLY B 339 -9.53 -21.49 -7.27
C GLY B 339 -10.41 -20.27 -7.17
N VAL B 340 -9.93 -19.20 -6.54
CA VAL B 340 -10.71 -17.97 -6.38
C VAL B 340 -10.21 -16.95 -7.39
N TYR B 341 -11.14 -16.41 -8.18
CA TYR B 341 -10.82 -15.46 -9.25
C TYR B 341 -11.67 -14.23 -9.07
N TYR B 342 -11.02 -13.07 -9.14
CA TYR B 342 -11.64 -11.78 -8.84
C TYR B 342 -11.66 -10.91 -10.08
N CYS B 343 -12.71 -10.10 -10.19
CA CYS B 343 -12.90 -9.21 -11.33
C CYS B 343 -13.48 -7.90 -10.81
N ASP B 344 -12.77 -6.81 -11.03
CA ASP B 344 -13.16 -5.48 -10.58
C ASP B 344 -13.84 -4.74 -11.72
N ASN B 345 -15.02 -4.18 -11.43
CA ASN B 345 -15.78 -3.36 -12.38
C ASN B 345 -16.31 -2.12 -11.68
N ARG B 346 -15.54 -1.58 -10.74
CA ARG B 346 -16.04 -0.51 -9.88
C ARG B 346 -16.14 0.81 -10.61
N ASP B 347 -15.18 1.11 -11.50
CA ASP B 347 -15.24 2.38 -12.22
C ASP B 347 -16.30 2.37 -13.31
N LYS B 348 -16.54 1.22 -13.95
CA LYS B 348 -17.55 1.08 -14.98
C LYS B 348 -18.38 -0.17 -14.68
N PRO B 349 -19.37 -0.06 -13.80
CA PRO B 349 -20.14 -1.25 -13.40
C PRO B 349 -20.86 -1.87 -14.59
N ILE B 350 -20.98 -3.20 -14.54
CA ILE B 350 -21.76 -3.93 -15.54
C ILE B 350 -23.23 -3.56 -15.35
N TYR B 351 -23.77 -2.82 -16.30
CA TYR B 351 -25.18 -2.41 -16.30
C TYR B 351 -25.76 -2.71 -17.66
N THR B 352 -26.77 -3.57 -17.70
CA THR B 352 -27.34 -4.06 -18.95
C THR B 352 -28.82 -3.68 -19.02
N LEU B 353 -29.24 -3.15 -20.17
CA LEU B 353 -30.66 -2.85 -20.36
C LEU B 353 -31.48 -4.12 -20.41
N GLN B 354 -30.99 -5.16 -21.09
CA GLN B 354 -31.70 -6.41 -21.26
C GLN B 354 -30.90 -7.54 -20.63
N TYR B 355 -31.60 -8.42 -19.91
CA TYR B 355 -30.96 -9.56 -19.26
C TYR B 355 -30.07 -10.31 -20.23
N GLY B 356 -28.96 -10.83 -19.72
CA GLY B 356 -28.05 -11.64 -20.50
C GLY B 356 -27.16 -10.87 -21.46
N ASN B 357 -27.24 -9.54 -21.48
CA ASN B 357 -26.41 -8.76 -22.38
C ASN B 357 -24.92 -8.99 -22.11
N VAL B 358 -24.56 -9.33 -20.88
N VAL B 358 -24.56 -9.33 -20.88
CA VAL B 358 -23.17 -9.53 -20.49
CA VAL B 358 -23.16 -9.53 -20.50
C VAL B 358 -23.07 -10.82 -19.67
C VAL B 358 -23.06 -10.80 -19.66
N GLY B 359 -21.93 -11.48 -19.77
CA GLY B 359 -21.73 -12.73 -19.07
C GLY B 359 -20.30 -12.92 -18.62
N PHE B 360 -20.13 -13.63 -17.52
CA PHE B 360 -18.83 -14.04 -17.01
C PHE B 360 -18.52 -15.43 -17.54
N VAL B 361 -17.32 -15.63 -18.08
CA VAL B 361 -16.99 -16.83 -18.82
C VAL B 361 -15.82 -17.54 -18.16
N VAL B 362 -15.95 -18.85 -18.01
CA VAL B 362 -14.86 -19.73 -17.63
C VAL B 362 -14.83 -20.87 -18.63
N ASN B 363 -13.68 -21.07 -19.27
CA ASN B 363 -13.47 -22.22 -20.16
C ASN B 363 -12.55 -23.21 -19.47
N PRO B 364 -13.08 -24.26 -18.87
CA PRO B 364 -12.20 -25.21 -18.15
C PRO B 364 -11.55 -26.20 -19.10
N LYS B 365 -10.38 -26.69 -18.67
CA LYS B 365 -9.71 -27.78 -19.38
C LYS B 365 -9.77 -29.10 -18.63
N THR B 366 -10.12 -29.07 -17.34
CA THR B 366 -10.34 -30.27 -16.53
C THR B 366 -11.57 -30.04 -15.68
N VAL B 367 -12.52 -30.95 -15.76
CA VAL B 367 -13.78 -30.86 -15.02
C VAL B 367 -14.01 -32.19 -14.33
N ASN B 368 -13.83 -32.21 -13.01
CA ASN B 368 -14.07 -33.40 -12.21
C ASN B 368 -15.57 -33.57 -11.96
N GLN B 369 -15.92 -34.64 -11.26
N GLN B 369 -15.93 -34.65 -11.27
CA GLN B 369 -17.32 -34.91 -10.95
CA GLN B 369 -17.32 -34.91 -10.95
C GLN B 369 -17.82 -33.91 -9.91
C GLN B 369 -17.81 -33.90 -9.92
N ASN B 370 -19.02 -33.39 -10.13
CA ASN B 370 -19.65 -32.42 -9.25
C ASN B 370 -18.95 -31.07 -9.28
N ALA B 371 -18.31 -30.74 -10.39
CA ALA B 371 -17.72 -29.42 -10.54
C ALA B 371 -18.81 -28.36 -10.51
N ARG B 372 -18.47 -27.19 -9.99
CA ARG B 372 -19.40 -26.08 -9.97
C ARG B 372 -18.62 -24.78 -9.81
N LEU B 373 -19.28 -23.68 -10.16
CA LEU B 373 -18.73 -22.34 -10.09
C LEU B 373 -19.54 -21.56 -9.08
N LEU B 374 -18.94 -21.24 -7.94
CA LEU B 374 -19.58 -20.41 -6.92
C LEU B 374 -19.32 -18.94 -7.25
N MET B 375 -20.38 -18.21 -7.56
CA MET B 375 -20.27 -16.82 -7.97
C MET B 375 -20.62 -15.90 -6.80
N GLY B 376 -19.82 -14.86 -6.62
CA GLY B 376 -20.10 -13.85 -5.63
C GLY B 376 -20.16 -12.48 -6.27
N TYR B 377 -21.22 -11.72 -5.98
CA TYR B 377 -21.46 -10.46 -6.67
C TYR B 377 -21.57 -9.32 -5.68
N GLU B 378 -21.12 -8.16 -6.13
CA GLU B 378 -21.22 -6.88 -5.44
C GLU B 378 -21.96 -5.97 -6.39
N TYR B 379 -23.10 -5.41 -5.97
CA TYR B 379 -23.89 -4.64 -6.91
C TYR B 379 -24.72 -3.57 -6.23
N PHE B 380 -25.07 -2.54 -7.00
CA PHE B 380 -26.06 -1.54 -6.64
C PHE B 380 -27.38 -1.87 -7.33
N THR B 381 -28.48 -1.45 -6.70
CA THR B 381 -29.80 -1.51 -7.34
C THR B 381 -30.73 -0.58 -6.58
N SER B 382 -31.80 -0.18 -7.25
CA SER B 382 -32.76 0.74 -6.67
C SER B 382 -33.87 -0.01 -5.98
N ARG B 383 -34.48 0.63 -4.97
CA ARG B 383 -35.61 0.03 -4.29
C ARG B 383 -36.84 -0.01 -5.20
N THR B 384 -37.01 1.00 -6.05
CA THR B 384 -38.17 1.08 -6.93
C THR B 384 -37.80 1.64 -8.30
N GLN C 12 -22.06 36.67 9.50
CA GLN C 12 -21.58 37.97 9.03
C GLN C 12 -20.15 37.85 8.50
N ALA C 13 -19.26 37.30 9.33
CA ALA C 13 -17.86 37.16 9.00
C ALA C 13 -17.52 35.80 8.40
N ALA C 14 -18.52 34.96 8.15
CA ALA C 14 -18.24 33.65 7.59
C ALA C 14 -17.64 33.75 6.20
N LEU C 15 -18.05 34.74 5.41
CA LEU C 15 -17.45 34.92 4.09
C LEU C 15 -16.02 35.44 4.21
N ARG C 16 -15.78 36.37 5.14
CA ARG C 16 -14.42 36.82 5.39
C ARG C 16 -13.51 35.64 5.67
N ASN C 17 -13.98 34.69 6.49
CA ASN C 17 -13.24 33.44 6.68
C ASN C 17 -13.12 32.69 5.37
N GLN C 18 -14.26 32.42 4.72
CA GLN C 18 -14.26 31.68 3.46
C GLN C 18 -13.31 32.31 2.46
N GLN C 19 -13.33 33.65 2.35
CA GLN C 19 -12.42 34.33 1.44
C GLN C 19 -10.97 34.14 1.85
N ALA C 20 -10.68 34.35 3.15
CA ALA C 20 -9.31 34.20 3.63
C ALA C 20 -8.82 32.77 3.45
N MET C 21 -9.70 31.78 3.58
CA MET C 21 -9.29 30.40 3.37
C MET C 21 -9.07 30.12 1.88
N ALA C 22 -9.94 30.63 1.02
CA ALA C 22 -9.75 30.46 -0.41
C ALA C 22 -8.44 31.11 -0.86
N ALA C 23 -8.12 32.28 -0.32
CA ALA C 23 -6.86 32.93 -0.66
C ALA C 23 -5.67 32.11 -0.18
N ASN C 24 -5.75 31.57 1.04
CA ASN C 24 -4.64 30.77 1.57
C ASN C 24 -4.40 29.54 0.71
N LEU C 25 -5.48 28.83 0.36
CA LEU C 25 -5.34 27.62 -0.45
C LEU C 25 -4.72 27.95 -1.81
N GLN C 26 -5.24 29.00 -2.47
CA GLN C 26 -4.69 29.38 -3.77
C GLN C 26 -3.21 29.74 -3.65
N ALA C 27 -2.86 30.50 -2.61
CA ALA C 27 -1.45 30.86 -2.42
C ALA C 27 -0.59 29.62 -2.20
N ARG C 28 -1.09 28.64 -1.44
CA ARG C 28 -0.36 27.40 -1.25
C ARG C 28 -0.08 26.72 -2.58
N GLN C 29 -1.12 26.60 -3.43
CA GLN C 29 -0.93 25.97 -4.73
C GLN C 29 0.10 26.72 -5.56
N ILE C 30 0.08 28.05 -5.52
CA ILE C 30 1.04 28.83 -6.29
C ILE C 30 2.46 28.59 -5.77
N VAL C 31 2.63 28.61 -4.45
CA VAL C 31 3.94 28.38 -3.86
C VAL C 31 4.46 27.00 -4.26
N LEU C 32 3.63 25.97 -4.10
CA LEU C 32 4.06 24.62 -4.47
C LEU C 32 4.36 24.53 -5.96
N GLN C 33 3.69 25.34 -6.78
CA GLN C 33 3.85 25.24 -8.23
C GLN C 33 5.10 25.97 -8.70
N GLN C 34 5.40 27.13 -8.12
CA GLN C 34 6.47 27.99 -8.63
C GLN C 34 7.79 27.76 -7.92
N SER C 35 7.78 27.49 -6.63
CA SER C 35 9.02 27.22 -5.91
C SER C 35 9.54 25.84 -6.29
N TYR C 36 10.83 25.61 -6.03
CA TYR C 36 11.43 24.32 -6.33
C TYR C 36 12.01 23.72 -5.06
N PRO C 37 11.66 22.48 -4.73
CA PRO C 37 12.01 21.94 -3.41
C PRO C 37 13.47 21.54 -3.33
N VAL C 38 14.03 21.69 -2.13
CA VAL C 38 15.44 21.40 -1.89
C VAL C 38 15.56 20.65 -0.57
N ILE C 39 16.45 19.66 -0.54
CA ILE C 39 16.83 18.97 0.69
C ILE C 39 18.35 18.92 0.71
N GLN C 40 18.95 19.45 1.75
CA GLN C 40 20.40 19.52 1.82
C GLN C 40 20.87 19.34 3.25
N GLN C 41 22.06 18.76 3.40
CA GLN C 41 22.64 18.56 4.71
C GLN C 41 22.98 19.90 5.36
N VAL C 42 22.75 20.00 6.66
CA VAL C 42 23.07 21.20 7.41
C VAL C 42 24.03 20.95 8.55
N GLU C 43 24.18 19.72 9.03
CA GLU C 43 25.11 19.43 10.11
C GLU C 43 25.36 17.94 10.19
N THR C 44 26.61 17.58 10.49
CA THR C 44 27.01 16.20 10.74
C THR C 44 27.99 16.21 11.90
N GLN C 45 27.87 15.22 12.79
CA GLN C 45 28.73 15.16 13.95
C GLN C 45 28.78 13.74 14.49
N THR C 46 29.96 13.36 14.98
CA THR C 46 30.18 12.09 15.65
C THR C 46 30.66 12.37 17.07
N PHE C 47 30.19 11.58 18.02
CA PHE C 47 30.49 11.85 19.41
C PHE C 47 30.40 10.56 20.21
N ASP C 48 30.89 10.63 21.45
CA ASP C 48 30.81 9.53 22.39
C ASP C 48 29.81 9.92 23.47
N PRO C 49 28.69 9.21 23.63
CA PRO C 49 27.69 9.63 24.63
C PRO C 49 28.22 9.65 26.05
N ALA C 50 29.41 9.09 26.31
CA ALA C 50 30.01 9.22 27.63
C ALA C 50 30.38 10.67 27.96
N ASN C 51 30.63 11.48 26.93
CA ASN C 51 30.97 12.89 27.11
C ASN C 51 29.77 13.81 26.99
N ARG C 52 28.95 13.63 25.96
CA ARG C 52 27.86 14.55 25.67
C ARG C 52 26.79 13.80 24.88
N SER C 53 25.54 14.12 25.16
CA SER C 53 24.42 13.51 24.43
C SER C 53 23.35 14.51 24.02
N VAL C 54 23.52 15.80 24.31
CA VAL C 54 22.56 16.83 23.95
C VAL C 54 23.23 17.76 22.95
N PHE C 55 22.55 18.01 21.84
CA PHE C 55 23.09 18.85 20.78
C PHE C 55 22.02 19.82 20.29
N ASP C 56 22.48 20.98 19.84
CA ASP C 56 21.63 22.02 19.29
C ASP C 56 22.07 22.26 17.86
N VAL C 57 21.21 21.91 16.90
CA VAL C 57 21.48 22.09 15.48
C VAL C 57 20.90 23.43 15.05
N THR C 58 21.66 24.14 14.22
CA THR C 58 21.24 25.45 13.71
C THR C 58 20.88 25.32 12.23
N PRO C 59 19.59 25.24 11.89
CA PRO C 59 19.20 25.14 10.48
C PRO C 59 19.59 26.38 9.71
N ALA C 60 19.48 26.28 8.38
CA ALA C 60 19.65 27.44 7.52
C ALA C 60 18.34 28.23 7.47
N ASN C 61 18.48 29.55 7.38
CA ASN C 61 17.33 30.45 7.27
C ASN C 61 17.14 30.79 5.80
N VAL C 62 16.39 29.95 5.09
CA VAL C 62 16.13 30.14 3.67
C VAL C 62 14.74 29.64 3.34
N GLY C 63 13.97 30.44 2.62
CA GLY C 63 12.68 30.05 2.06
C GLY C 63 11.73 29.54 3.11
N ILE C 64 10.91 28.57 2.70
CA ILE C 64 9.91 27.95 3.57
C ILE C 64 10.45 26.59 4.00
N VAL C 65 10.61 26.41 5.31
CA VAL C 65 11.15 25.18 5.87
C VAL C 65 10.01 24.22 6.14
N LYS C 66 10.13 23.00 5.63
CA LYS C 66 9.09 21.98 5.77
C LYS C 66 9.38 20.97 6.86
N GLY C 67 10.64 20.61 7.08
CA GLY C 67 10.98 19.64 8.10
C GLY C 67 12.43 19.26 8.02
N PHE C 68 12.80 18.34 8.92
CA PHE C 68 14.18 17.88 9.05
C PHE C 68 14.20 16.37 9.09
N LEU C 69 15.10 15.78 8.31
CA LEU C 69 15.38 14.35 8.36
C LEU C 69 16.63 14.14 9.20
N VAL C 70 16.51 13.35 10.26
CA VAL C 70 17.60 13.10 11.19
C VAL C 70 18.03 11.65 11.00
N LYS C 71 19.23 11.45 10.43
CA LYS C 71 19.84 10.15 10.31
C LYS C 71 20.76 9.92 11.50
N VAL C 72 20.55 8.81 12.20
CA VAL C 72 21.33 8.47 13.38
C VAL C 72 21.94 7.08 13.15
N THR C 73 23.27 7.00 13.28
CA THR C 73 23.98 5.75 13.27
C THR C 73 24.70 5.58 14.60
N ALA C 74 24.90 4.33 15.00
CA ALA C 74 25.50 4.04 16.29
C ALA C 74 26.16 2.67 16.24
N ALA C 75 27.20 2.51 17.05
CA ALA C 75 27.86 1.23 17.27
C ALA C 75 27.76 0.93 18.76
N ILE C 76 27.23 -0.24 19.09
CA ILE C 76 27.03 -0.67 20.48
C ILE C 76 27.86 -1.91 20.70
N THR C 77 28.57 -1.95 21.82
CA THR C 77 29.42 -3.08 22.19
C THR C 77 28.91 -3.69 23.47
N ASN C 78 28.72 -5.01 23.46
CA ASN C 78 28.39 -5.78 24.65
C ASN C 78 29.70 -6.34 25.21
N ASN C 79 30.21 -5.72 26.27
CA ASN C 79 31.46 -6.12 26.90
C ASN C 79 31.25 -7.15 28.00
N HIS C 80 30.02 -7.61 28.22
CA HIS C 80 29.79 -8.62 29.24
C HIS C 80 30.54 -9.90 28.88
N ALA C 81 30.84 -10.70 29.91
CA ALA C 81 31.64 -11.90 29.69
C ALA C 81 30.86 -12.98 28.96
N THR C 82 29.60 -13.21 29.35
CA THR C 82 28.86 -14.37 28.87
C THR C 82 27.47 -14.03 28.35
N GLU C 83 26.81 -13.04 28.94
CA GLU C 83 25.40 -12.78 28.67
C GLU C 83 25.22 -11.82 27.49
N ALA C 84 24.14 -12.04 26.74
CA ALA C 84 23.79 -11.23 25.60
C ALA C 84 22.66 -10.26 25.95
N VAL C 85 22.33 -9.39 24.99
CA VAL C 85 21.23 -8.45 25.12
CA VAL C 85 21.23 -8.45 25.12
C VAL C 85 20.39 -8.51 23.85
N ALA C 86 19.10 -8.21 23.99
CA ALA C 86 18.17 -8.26 22.88
C ALA C 86 17.40 -6.95 22.76
N LEU C 87 16.97 -6.64 21.54
CA LEU C 87 16.24 -5.41 21.29
C LEU C 87 14.98 -5.34 22.14
N THR C 88 14.69 -4.14 22.63
CA THR C 88 13.40 -3.84 23.23
C THR C 88 12.36 -3.67 22.13
N ASP C 89 11.10 -3.47 22.54
CA ASP C 89 10.03 -3.32 21.56
C ASP C 89 10.27 -2.11 20.65
N PHE C 90 10.82 -1.03 21.19
CA PHE C 90 11.06 0.18 20.41
C PHE C 90 12.45 0.21 19.78
N GLY C 91 13.41 -0.51 20.35
CA GLY C 91 14.71 -0.68 19.74
C GLY C 91 15.35 0.62 19.29
N PRO C 92 15.80 0.67 18.03
CA PRO C 92 16.53 1.86 17.57
C PRO C 92 15.69 3.13 17.55
N ALA C 93 14.38 3.04 17.72
CA ALA C 93 13.57 4.25 17.83
C ALA C 93 13.90 5.06 19.09
N ASN C 94 14.64 4.48 20.02
CA ASN C 94 15.09 5.18 21.21
C ASN C 94 16.52 5.73 21.09
N LEU C 95 17.09 5.71 19.89
CA LEU C 95 18.40 6.33 19.70
C LEU C 95 18.33 7.83 19.95
N VAL C 96 17.22 8.46 19.58
CA VAL C 96 16.91 9.83 19.97
C VAL C 96 15.92 9.75 21.12
N GLN C 97 16.25 10.35 22.26
CA GLN C 97 15.34 10.36 23.38
C GLN C 97 14.30 11.47 23.24
N ARG C 98 14.72 12.65 22.82
CA ARG C 98 13.84 13.80 22.77
C ARG C 98 14.22 14.73 21.63
N VAL C 99 13.22 15.44 21.11
CA VAL C 99 13.41 16.43 20.06
C VAL C 99 12.60 17.66 20.44
N ILE C 100 13.20 18.83 20.23
CA ILE C 100 12.51 20.11 20.42
C ILE C 100 12.92 21.04 19.29
N TYR C 101 11.94 21.73 18.72
CA TYR C 101 12.19 22.71 17.67
C TYR C 101 11.67 24.06 18.11
N TYR C 102 12.49 25.09 17.92
CA TYR C 102 12.09 26.48 18.07
C TYR C 102 12.20 27.16 16.72
N ASP C 103 11.15 27.88 16.33
CA ASP C 103 11.15 28.59 15.05
C ASP C 103 11.82 29.95 15.21
N PRO C 104 12.00 30.68 14.11
CA PRO C 104 12.70 31.98 14.22
C PRO C 104 12.10 32.92 15.26
N ASP C 105 10.78 32.98 15.39
CA ASP C 105 10.15 33.85 16.37
C ASP C 105 10.21 33.27 17.78
N ASN C 106 11.06 32.29 18.02
CA ASN C 106 11.23 31.67 19.33
C ASN C 106 9.98 30.92 19.79
N GLN C 107 9.10 30.56 18.86
CA GLN C 107 7.92 29.75 19.19
C GLN C 107 8.26 28.28 19.02
N ARG C 108 7.89 27.48 20.03
CA ARG C 108 8.12 26.04 19.97
C ARG C 108 7.10 25.37 19.07
N HIS C 109 7.57 24.41 18.28
CA HIS C 109 6.68 23.52 17.55
C HIS C 109 6.71 22.15 18.24
N THR C 110 7.30 21.16 17.60
CA THR C 110 7.35 19.83 18.19
C THR C 110 8.22 19.81 19.44
N GLU C 111 7.72 19.14 20.48
CA GLU C 111 8.53 18.79 21.65
C GLU C 111 8.01 17.44 22.12
N THR C 112 8.69 16.36 21.72
CA THR C 112 8.21 15.03 22.02
C THR C 112 9.39 14.06 22.06
N SER C 113 9.10 12.82 22.39
CA SER C 113 10.12 11.79 22.48
C SER C 113 10.42 11.21 21.10
N GLY C 114 11.55 10.51 21.03
CA GLY C 114 11.94 9.88 19.77
C GLY C 114 10.96 8.81 19.33
N TRP C 115 10.49 7.98 20.27
CA TRP C 115 9.60 6.89 19.88
C TRP C 115 8.24 7.41 19.44
N HIS C 116 7.75 8.50 20.05
CA HIS C 116 6.49 9.07 19.57
C HIS C 116 6.65 9.67 18.18
N LEU C 117 7.76 10.38 17.96
CA LEU C 117 8.03 10.92 16.63
C LEU C 117 8.06 9.80 15.59
N HIS C 118 8.69 8.66 15.94
CA HIS C 118 8.77 7.56 15.00
C HIS C 118 7.39 6.97 14.70
N PHE C 119 6.57 6.78 15.74
CA PHE C 119 5.24 6.23 15.52
C PHE C 119 4.37 7.17 14.68
N VAL C 120 4.57 8.48 14.81
CA VAL C 120 3.85 9.42 13.97
C VAL C 120 4.36 9.33 12.54
N ASN C 121 5.68 9.23 12.34
CA ASN C 121 6.21 9.02 11.00
C ASN C 121 5.57 7.78 10.37
N THR C 122 5.43 6.71 11.14
CA THR C 122 4.79 5.50 10.63
C THR C 122 3.33 5.75 10.30
N ALA C 123 2.59 6.38 11.22
CA ALA C 123 1.18 6.66 10.98
C ALA C 123 1.00 7.47 9.70
N LYS C 124 1.88 8.45 9.48
CA LYS C 124 1.73 9.32 8.32
C LYS C 124 2.10 8.59 7.03
N GLN C 125 3.00 7.62 7.10
CA GLN C 125 3.36 6.87 5.89
C GLN C 125 2.30 5.82 5.53
N GLY C 126 1.54 5.33 6.51
CA GLY C 126 0.64 4.22 6.29
C GLY C 126 1.28 2.87 6.41
N ALA C 127 2.52 2.80 6.88
CA ALA C 127 3.27 1.56 7.06
C ALA C 127 4.48 1.87 7.92
N PRO C 128 5.11 0.84 8.50
CA PRO C 128 6.32 1.10 9.32
C PRO C 128 7.31 1.98 8.60
N PHE C 129 7.65 3.11 9.23
CA PHE C 129 8.44 4.16 8.60
C PHE C 129 9.70 3.62 7.94
N LEU C 130 9.83 3.89 6.64
CA LEU C 130 11.02 3.54 5.86
C LEU C 130 11.34 2.06 5.91
N SER C 131 10.34 1.22 6.13
CA SER C 131 10.56 -0.22 6.19
C SER C 131 10.62 -0.81 4.79
N SER C 132 11.16 -2.03 4.73
CA SER C 132 11.21 -2.80 3.49
C SER C 132 10.18 -3.94 3.59
N MET C 133 9.13 -3.84 2.79
CA MET C 133 8.10 -4.87 2.73
C MET C 133 8.68 -6.15 2.14
N VAL C 134 8.20 -7.28 2.64
CA VAL C 134 8.61 -8.59 2.14
C VAL C 134 7.61 -9.06 1.09
N THR C 135 8.12 -9.50 -0.06
CA THR C 135 7.28 -10.05 -1.12
C THR C 135 7.91 -11.32 -1.66
N ASP C 136 7.18 -11.98 -2.56
CA ASP C 136 7.62 -13.20 -3.21
C ASP C 136 8.44 -12.94 -4.48
N SER C 137 8.77 -11.69 -4.76
CA SER C 137 9.41 -11.38 -6.03
C SER C 137 10.74 -12.12 -6.14
N PRO C 138 11.00 -12.82 -7.25
CA PRO C 138 12.34 -13.41 -7.44
C PRO C 138 13.40 -12.37 -7.77
N ILE C 139 13.02 -11.20 -8.28
CA ILE C 139 13.97 -10.10 -8.42
C ILE C 139 14.38 -9.66 -7.02
N LYS C 140 15.68 -9.44 -6.83
CA LYS C 140 16.25 -9.30 -5.48
C LYS C 140 16.00 -7.90 -4.91
N TYR C 141 14.71 -7.54 -4.87
CA TYR C 141 14.28 -6.48 -3.99
C TYR C 141 14.44 -6.92 -2.53
N GLY C 142 14.29 -5.96 -1.62
CA GLY C 142 14.25 -6.29 -0.21
C GLY C 142 15.03 -5.35 0.67
N ASP C 143 15.54 -5.87 1.78
CA ASP C 143 16.37 -5.11 2.71
C ASP C 143 17.81 -5.11 2.19
N VAL C 144 18.02 -4.31 1.15
CA VAL C 144 19.33 -4.19 0.52
C VAL C 144 20.18 -3.14 1.21
N MET C 145 19.58 -2.01 1.60
CA MET C 145 20.31 -0.84 2.05
C MET C 145 20.25 -0.62 3.54
N ASN C 146 19.51 -1.44 4.28
CA ASN C 146 19.44 -1.35 5.74
C ASN C 146 19.23 0.10 6.20
N VAL C 147 18.15 0.69 5.68
CA VAL C 147 17.88 2.10 5.97
C VAL C 147 17.62 2.29 7.45
N ILE C 148 16.71 1.49 8.02
CA ILE C 148 16.49 1.43 9.46
C ILE C 148 16.79 -0.01 9.88
N ASP C 149 17.80 -0.17 10.74
CA ASP C 149 18.38 -1.49 10.96
C ASP C 149 19.01 -1.55 12.35
N ALA C 150 18.91 -2.71 12.98
CA ALA C 150 19.56 -2.98 14.25
C ALA C 150 19.57 -4.49 14.50
N PRO C 151 20.69 -5.07 14.90
CA PRO C 151 20.72 -6.51 15.17
C PRO C 151 19.74 -6.88 16.29
N ALA C 152 19.02 -7.98 16.07
CA ALA C 152 18.05 -8.43 17.05
C ALA C 152 18.70 -8.73 18.40
N THR C 153 19.96 -9.20 18.38
CA THR C 153 20.70 -9.47 19.60
C THR C 153 22.14 -9.01 19.39
N ILE C 154 22.81 -8.73 20.50
CA ILE C 154 24.24 -8.45 20.52
C ILE C 154 24.84 -9.42 21.52
N ALA C 155 25.59 -10.40 21.02
CA ALA C 155 26.17 -11.42 21.88
C ALA C 155 27.31 -10.85 22.72
N ALA C 156 27.62 -11.56 23.80
CA ALA C 156 28.73 -11.16 24.67
C ALA C 156 30.00 -10.98 23.84
N GLY C 157 30.61 -9.81 23.99
CA GLY C 157 31.82 -9.48 23.26
C GLY C 157 31.61 -8.95 21.86
N ALA C 158 30.37 -8.89 21.38
CA ALA C 158 30.10 -8.47 20.02
C ALA C 158 29.80 -6.98 19.94
N THR C 159 29.92 -6.44 18.73
CA THR C 159 29.59 -5.05 18.43
C THR C 159 28.55 -5.03 17.31
N GLY C 160 27.47 -4.26 17.53
CA GLY C 160 26.40 -4.16 16.56
C GLY C 160 26.28 -2.75 16.02
N GLU C 161 25.85 -2.65 14.76
CA GLU C 161 25.67 -1.37 14.07
C GLU C 161 24.19 -1.09 13.92
N LEU C 162 23.78 0.12 14.27
CA LEU C 162 22.39 0.56 14.19
C LEU C 162 22.26 1.75 13.25
N THR C 163 21.11 1.84 12.59
CA THR C 163 20.77 3.02 11.80
C THR C 163 19.30 3.35 12.04
N MET C 164 19.02 4.63 12.30
CA MET C 164 17.66 5.09 12.54
C MET C 164 17.45 6.39 11.78
N TYR C 165 16.21 6.60 11.34
CA TYR C 165 15.82 7.83 10.69
C TYR C 165 14.59 8.39 11.38
N TYR C 166 14.61 9.70 11.61
CA TYR C 166 13.46 10.43 12.11
C TYR C 166 13.14 11.57 11.15
N TRP C 167 11.86 11.78 10.87
CA TRP C 167 11.40 12.96 10.17
C TRP C 167 10.77 13.89 11.20
N VAL C 168 11.36 15.07 11.37
CA VAL C 168 10.80 16.10 12.24
C VAL C 168 9.95 17.03 11.36
N PRO C 169 8.62 16.96 11.44
CA PRO C 169 7.80 17.78 10.54
C PRO C 169 7.55 19.17 11.09
N LEU C 170 7.64 20.15 10.18
CA LEU C 170 7.04 21.47 10.37
C LEU C 170 5.77 21.59 9.53
N ALA C 171 5.90 21.54 8.22
CA ALA C 171 4.73 21.39 7.36
C ALA C 171 4.07 20.04 7.62
N TYR C 172 2.75 20.01 7.52
CA TYR C 172 2.03 18.77 7.80
C TYR C 172 2.41 17.68 6.82
N SER C 173 2.60 18.03 5.56
CA SER C 173 2.98 17.05 4.54
C SER C 173 3.64 17.79 3.39
N GLU C 174 4.02 17.04 2.35
CA GLU C 174 4.69 17.63 1.20
C GLU C 174 3.76 18.52 0.38
N THR C 175 2.45 18.31 0.46
CA THR C 175 1.49 19.12 -0.28
C THR C 175 0.62 20.00 0.60
N ASP C 176 0.70 19.86 1.92
CA ASP C 176 -0.05 20.69 2.87
C ASP C 176 0.97 21.43 3.72
N LEU C 177 1.17 22.72 3.42
CA LEU C 177 2.18 23.52 4.09
C LEU C 177 1.72 24.05 5.44
N THR C 178 0.59 23.59 5.95
CA THR C 178 0.17 23.96 7.29
C THR C 178 1.27 23.56 8.28
N GLY C 179 1.75 24.55 9.04
CA GLY C 179 2.81 24.32 10.01
C GLY C 179 4.19 24.67 9.52
N ALA C 180 4.38 24.85 8.21
CA ALA C 180 5.66 25.25 7.68
C ALA C 180 6.11 26.57 8.31
N VAL C 181 7.39 26.88 8.13
CA VAL C 181 8.04 28.02 8.77
C VAL C 181 8.74 28.84 7.70
N LEU C 182 8.46 30.14 7.69
CA LEU C 182 9.13 31.07 6.78
C LEU C 182 10.43 31.53 7.44
N ALA C 183 11.56 31.20 6.81
CA ALA C 183 12.86 31.50 7.40
C ALA C 183 13.57 32.59 6.61
N ASN C 184 12.94 33.76 6.51
CA ASN C 184 13.51 34.92 5.85
C ASN C 184 14.05 35.95 6.83
N VAL C 185 13.78 35.79 8.12
CA VAL C 185 14.05 36.85 9.11
C VAL C 185 15.56 36.96 9.33
N PRO C 186 16.11 38.18 9.39
CA PRO C 186 17.57 38.29 9.53
C PRO C 186 18.09 37.95 10.92
N GLN C 187 17.35 38.29 11.98
CA GLN C 187 17.87 38.30 13.34
C GLN C 187 17.63 37.02 14.12
N SER C 188 17.01 36.01 13.51
CA SER C 188 16.46 34.88 14.24
C SER C 188 17.13 33.59 13.83
N LYS C 189 17.53 32.80 14.83
CA LYS C 189 18.10 31.48 14.60
C LYS C 189 17.06 30.43 14.97
N GLN C 190 16.77 29.54 14.03
CA GLN C 190 16.05 28.33 14.38
C GLN C 190 16.89 27.51 15.35
N ARG C 191 16.22 26.66 16.13
CA ARG C 191 16.89 25.73 17.03
C ARG C 191 16.22 24.37 16.89
N LEU C 192 16.99 23.37 16.49
CA LEU C 192 16.57 21.97 16.52
C LEU C 192 17.41 21.29 17.61
N LYS C 193 16.79 20.96 18.72
CA LYS C 193 17.48 20.37 19.86
C LYS C 193 17.23 18.86 19.86
N LEU C 194 18.32 18.09 19.95
CA LEU C 194 18.26 16.64 19.93
C LEU C 194 18.96 16.11 21.17
N GLU C 195 18.26 15.29 21.95
CA GLU C 195 18.85 14.55 23.05
C GLU C 195 18.93 13.09 22.63
N PHE C 196 20.14 12.55 22.57
CA PHE C 196 20.37 11.18 22.13
C PHE C 196 20.44 10.24 23.32
N ALA C 197 20.28 8.95 23.03
CA ALA C 197 20.48 7.92 24.04
C ALA C 197 21.92 7.95 24.53
N ASN C 198 22.12 7.48 25.75
CA ASN C 198 23.46 7.38 26.32
C ASN C 198 23.59 6.03 27.03
N ASN C 199 24.73 5.82 27.67
CA ASN C 199 25.02 4.55 28.32
C ASN C 199 24.14 4.29 29.52
N ASN C 200 23.34 5.25 29.95
CA ASN C 200 22.39 5.07 31.03
C ASN C 200 20.98 4.73 30.55
N THR C 201 20.54 5.33 29.45
CA THR C 201 19.17 5.13 28.98
C THR C 201 19.04 3.95 28.01
N ALA C 202 20.08 3.67 27.22
CA ALA C 202 19.96 2.74 26.10
C ALA C 202 19.90 1.28 26.52
N PHE C 203 20.31 0.95 27.73
CA PHE C 203 20.49 -0.44 28.14
C PHE C 203 19.76 -0.69 29.46
N ALA C 204 18.85 -1.66 29.45
CA ALA C 204 18.02 -1.98 30.59
C ALA C 204 18.37 -3.37 31.10
N ALA C 205 18.53 -3.50 32.42
CA ALA C 205 18.79 -4.80 33.01
C ALA C 205 17.53 -5.66 32.96
N VAL C 206 17.74 -6.98 33.12
CA VAL C 206 16.60 -7.89 33.23
C VAL C 206 15.72 -7.42 34.37
N GLY C 207 14.42 -7.36 34.11
CA GLY C 207 13.46 -6.92 35.10
C GLY C 207 13.25 -5.43 35.18
N ALA C 208 14.13 -4.62 34.59
CA ALA C 208 13.96 -3.18 34.58
C ALA C 208 13.02 -2.76 33.45
N ASN C 209 12.59 -1.51 33.51
CA ASN C 209 11.61 -1.00 32.55
C ASN C 209 12.28 -0.72 31.20
N PRO C 210 11.89 -1.41 30.13
CA PRO C 210 12.56 -1.22 28.83
C PRO C 210 12.01 -0.08 27.98
N LEU C 211 11.08 0.72 28.51
CA LEU C 211 10.39 1.72 27.70
C LEU C 211 11.37 2.56 26.88
N GLU C 212 12.38 3.14 27.53
CA GLU C 212 13.28 4.08 26.89
C GLU C 212 14.55 3.44 26.36
N ALA C 213 14.74 2.15 26.59
CA ALA C 213 15.99 1.49 26.23
C ALA C 213 15.96 0.96 24.81
N ILE C 214 17.15 0.67 24.28
CA ILE C 214 17.32 0.07 22.97
C ILE C 214 17.50 -1.44 23.08
N TYR C 215 18.32 -1.88 24.04
CA TYR C 215 18.56 -3.30 24.30
C TYR C 215 18.27 -3.61 25.75
N GLN C 216 17.87 -4.85 26.00
CA GLN C 216 17.63 -5.36 27.34
C GLN C 216 18.15 -6.79 27.42
N GLY C 217 18.66 -7.16 28.58
CA GLY C 217 19.18 -8.50 28.77
C GLY C 217 20.16 -8.55 29.92
N ALA C 218 20.62 -9.78 30.20
CA ALA C 218 21.48 -10.01 31.36
C ALA C 218 22.86 -9.39 31.19
N GLY C 219 23.25 -9.02 29.97
CA GLY C 219 24.50 -8.36 29.72
C GLY C 219 24.43 -6.84 29.70
N ALA C 220 23.27 -6.27 30.06
CA ALA C 220 23.05 -4.85 29.84
C ALA C 220 24.00 -3.98 30.64
N ALA C 221 24.37 -4.40 31.85
CA ALA C 221 25.23 -3.59 32.69
C ALA C 221 26.58 -3.31 32.06
N ASP C 222 27.04 -4.17 31.14
CA ASP C 222 28.34 -4.00 30.50
C ASP C 222 28.22 -3.60 29.03
N CYS C 223 27.05 -3.13 28.61
CA CYS C 223 26.90 -2.58 27.27
C CYS C 223 27.28 -1.11 27.27
N GLU C 224 27.81 -0.66 26.15
CA GLU C 224 28.24 0.72 26.00
C GLU C 224 28.16 1.12 24.54
N PHE C 225 27.99 2.42 24.30
CA PHE C 225 28.13 2.95 22.97
C PHE C 225 29.61 3.07 22.61
N GLU C 226 29.98 2.54 21.44
CA GLU C 226 31.28 2.87 20.87
C GLU C 226 31.28 4.30 20.36
N GLU C 227 30.22 4.69 19.65
CA GLU C 227 30.08 6.04 19.12
C GLU C 227 28.65 6.21 18.60
N ILE C 228 28.22 7.46 18.53
CA ILE C 228 26.98 7.84 17.88
C ILE C 228 27.29 8.92 16.87
N SER C 229 26.64 8.85 15.71
CA SER C 229 26.76 9.86 14.67
C SER C 229 25.37 10.26 14.23
N TYR C 230 25.21 11.55 13.91
CA TYR C 230 23.94 12.03 13.37
C TYR C 230 24.23 12.95 12.19
N THR C 231 23.29 12.95 11.24
CA THR C 231 23.31 13.85 10.11
C THR C 231 21.91 14.43 9.96
N VAL C 232 21.81 15.75 9.91
CA VAL C 232 20.53 16.44 9.81
C VAL C 232 20.42 17.01 8.41
N TYR C 233 19.36 16.63 7.70
CA TYR C 233 19.02 17.21 6.41
C TYR C 233 17.83 18.14 6.59
N GLN C 234 17.88 19.29 5.93
CA GLN C 234 16.80 20.26 5.96
C GLN C 234 16.08 20.24 4.64
N SER C 235 14.75 20.14 4.69
CA SER C 235 13.89 20.20 3.52
C SER C 235 13.16 21.53 3.51
N TYR C 236 13.26 22.26 2.41
CA TYR C 236 12.64 23.58 2.31
C TYR C 236 12.31 23.88 0.85
N LEU C 237 11.59 24.97 0.66
CA LEU C 237 11.24 25.48 -0.67
C LEU C 237 12.01 26.76 -0.93
N ASP C 238 12.67 26.81 -2.09
CA ASP C 238 13.42 27.99 -2.51
C ASP C 238 12.77 28.60 -3.74
N GLN C 239 13.18 29.82 -4.07
CA GLN C 239 12.63 30.53 -5.23
C GLN C 239 11.14 30.78 -5.05
N LEU C 240 10.78 31.33 -3.90
CA LEU C 240 9.36 31.58 -3.63
C LEU C 240 8.80 32.58 -4.64
N PRO C 241 7.56 32.38 -5.09
CA PRO C 241 7.01 33.28 -6.11
C PRO C 241 6.67 34.65 -5.54
N VAL C 242 6.85 35.67 -6.38
CA VAL C 242 6.60 37.05 -6.00
C VAL C 242 5.48 37.61 -6.87
N GLY C 243 4.53 38.28 -6.24
CA GLY C 243 3.43 38.90 -6.95
C GLY C 243 3.41 40.40 -6.82
N GLN C 244 2.28 41.02 -7.17
CA GLN C 244 2.19 42.47 -7.12
C GLN C 244 2.39 42.99 -5.70
N ASN C 245 1.62 42.47 -4.74
CA ASN C 245 1.71 42.93 -3.37
C ASN C 245 3.01 42.49 -2.70
N GLY C 246 3.65 41.46 -3.20
CA GLY C 246 4.85 40.92 -2.58
C GLY C 246 4.90 39.41 -2.77
N TYR C 247 5.62 38.75 -1.88
CA TYR C 247 5.70 37.29 -1.92
C TYR C 247 4.32 36.68 -1.79
N ILE C 248 4.01 35.71 -2.66
CA ILE C 248 2.77 34.96 -2.59
C ILE C 248 2.93 33.89 -1.53
N LEU C 249 2.24 34.03 -0.39
CA LEU C 249 2.41 33.15 0.75
C LEU C 249 1.06 32.79 1.35
N PRO C 250 0.88 31.51 1.74
CA PRO C 250 -0.36 31.13 2.45
C PRO C 250 -0.32 31.55 3.91
N LEU C 251 -1.00 32.65 4.23
CA LEU C 251 -0.88 33.24 5.56
C LEU C 251 -1.45 32.34 6.66
N ILE C 252 -2.49 31.56 6.35
CA ILE C 252 -3.05 30.67 7.36
C ILE C 252 -2.11 29.51 7.63
N ASP C 253 -1.52 28.94 6.57
CA ASP C 253 -0.57 27.85 6.75
C ASP C 253 0.61 28.29 7.63
N LEU C 254 1.19 29.45 7.32
CA LEU C 254 2.40 29.89 8.00
C LEU C 254 2.12 30.50 9.37
N SER C 255 0.85 30.71 9.73
CA SER C 255 0.49 31.16 11.06
C SER C 255 -0.13 30.05 11.90
N THR C 256 -0.13 28.82 11.39
CA THR C 256 -0.63 27.66 12.12
C THR C 256 0.57 26.82 12.57
N LEU C 257 0.46 26.24 13.76
CA LEU C 257 1.48 25.35 14.30
C LEU C 257 1.01 23.91 14.15
N TYR C 258 1.86 23.07 13.56
CA TYR C 258 1.65 21.62 13.52
C TYR C 258 2.68 21.01 14.46
N ASN C 259 2.22 20.52 15.61
CA ASN C 259 3.11 20.09 16.68
C ASN C 259 2.84 18.64 17.08
N LEU C 260 3.91 17.97 17.48
CA LEU C 260 3.83 16.71 18.22
C LEU C 260 4.25 16.97 19.65
N GLU C 261 3.48 16.45 20.60
CA GLU C 261 3.78 16.59 22.02
C GLU C 261 3.41 15.30 22.73
N ASN C 262 4.09 15.07 23.86
CA ASN C 262 3.84 13.90 24.69
C ASN C 262 3.67 14.35 26.13
N SER C 263 2.93 13.52 26.88
CA SER C 263 2.71 13.73 28.31
C SER C 263 2.63 12.37 28.98
N ALA C 264 2.67 12.38 30.31
CA ALA C 264 2.54 11.18 31.12
C ALA C 264 1.43 11.37 32.13
N GLN C 265 0.65 10.30 32.35
CA GLN C 265 -0.50 10.33 33.24
C GLN C 265 -0.47 9.07 34.09
N ALA C 266 -0.81 9.22 35.37
CA ALA C 266 -0.83 8.11 36.31
C ALA C 266 -2.12 8.19 37.12
N GLY C 267 -2.37 7.11 37.87
CA GLY C 267 -3.57 7.02 38.68
C GLY C 267 -4.57 5.99 38.15
N LEU C 268 -4.08 4.98 37.44
CA LEU C 268 -4.94 3.95 36.91
C LEU C 268 -5.28 2.94 38.00
N THR C 269 -6.52 2.45 37.99
CA THR C 269 -6.98 1.43 38.91
C THR C 269 -7.88 0.45 38.16
N PRO C 270 -7.81 -0.84 38.49
CA PRO C 270 -8.52 -1.85 37.69
C PRO C 270 -10.00 -1.56 37.57
N ASN C 271 -10.54 -1.79 36.36
CA ASN C 271 -11.96 -1.78 36.05
C ASN C 271 -12.61 -0.41 36.17
N VAL C 272 -11.83 0.65 36.29
CA VAL C 272 -12.34 2.01 36.38
C VAL C 272 -11.83 2.80 35.18
N ASP C 273 -12.70 3.63 34.61
CA ASP C 273 -12.32 4.45 33.48
C ASP C 273 -11.25 5.46 33.88
N PHE C 274 -10.10 5.38 33.22
CA PHE C 274 -9.04 6.37 33.35
C PHE C 274 -9.15 7.32 32.16
N VAL C 275 -9.42 8.59 32.44
CA VAL C 275 -9.74 9.58 31.41
C VAL C 275 -8.60 10.57 31.33
N VAL C 276 -8.12 10.81 30.11
CA VAL C 276 -7.15 11.85 29.82
C VAL C 276 -7.88 12.91 29.00
N GLN C 277 -8.09 14.07 29.60
CA GLN C 277 -8.83 15.13 28.93
C GLN C 277 -7.99 15.76 27.82
N TYR C 278 -8.65 16.08 26.71
CA TYR C 278 -8.03 16.88 25.67
C TYR C 278 -8.14 18.36 26.03
N ALA C 279 -7.07 19.10 25.78
CA ALA C 279 -7.13 20.54 25.98
C ALA C 279 -8.02 21.17 24.90
N ASN C 280 -8.36 22.43 25.10
CA ASN C 280 -9.16 23.18 24.16
C ASN C 280 -8.25 24.07 23.31
N LEU C 281 -8.80 24.51 22.18
CA LEU C 281 -8.14 25.35 21.18
C LEU C 281 -7.13 24.55 20.35
N TYR C 282 -6.81 23.33 20.75
CA TYR C 282 -5.97 22.45 19.93
C TYR C 282 -6.86 21.58 19.06
N ARG C 283 -6.49 21.44 17.79
CA ARG C 283 -7.17 20.54 16.85
C ARG C 283 -6.32 19.27 16.81
N TYR C 284 -6.69 18.29 17.62
CA TYR C 284 -5.93 17.06 17.74
C TYR C 284 -6.18 16.17 16.52
N LEU C 285 -5.10 15.83 15.81
CA LEU C 285 -5.19 15.00 14.61
C LEU C 285 -5.01 13.52 14.90
N SER C 286 -4.21 13.16 15.90
CA SER C 286 -4.00 11.77 16.25
C SER C 286 -3.62 11.67 17.71
N THR C 287 -3.81 10.47 18.26
CA THR C 287 -3.53 10.20 19.67
C THR C 287 -2.85 8.85 19.78
N ILE C 288 -1.75 8.80 20.52
CA ILE C 288 -1.05 7.56 20.83
C ILE C 288 -1.02 7.40 22.34
N ALA C 289 -1.40 6.23 22.82
CA ALA C 289 -1.42 5.92 24.24
C ALA C 289 -0.60 4.65 24.45
N VAL C 290 0.47 4.76 25.23
CA VAL C 290 1.31 3.63 25.59
C VAL C 290 1.00 3.27 27.03
N PHE C 291 0.55 2.04 27.25
CA PHE C 291 0.23 1.56 28.60
C PHE C 291 1.50 0.94 29.18
N ASP C 292 2.32 1.78 29.82
CA ASP C 292 3.49 1.32 30.56
C ASP C 292 3.01 0.77 31.89
N ASN C 293 2.71 -0.53 31.92
CA ASN C 293 2.11 -1.16 33.09
C ASN C 293 3.20 -1.67 34.02
N GLY C 294 3.91 -0.72 34.62
CA GLY C 294 4.98 -1.03 35.54
C GLY C 294 6.12 -1.80 34.91
N GLY C 295 6.55 -1.35 33.73
CA GLY C 295 7.59 -2.02 33.00
C GLY C 295 7.13 -3.19 32.16
N SER C 296 5.85 -3.56 32.24
CA SER C 296 5.28 -4.63 31.43
C SER C 296 4.47 -4.02 30.30
N PHE C 297 4.71 -4.48 29.08
CA PHE C 297 3.96 -4.05 27.90
C PHE C 297 3.23 -5.27 27.36
N ASN C 298 1.90 -5.24 27.41
CA ASN C 298 1.07 -6.37 27.04
C ASN C 298 0.27 -6.06 25.78
N ALA C 299 -0.07 -7.12 25.05
CA ALA C 299 -0.85 -7.02 23.82
C ALA C 299 -2.34 -7.02 24.18
N GLY C 300 -2.78 -5.93 24.79
CA GLY C 300 -4.17 -5.70 25.09
C GLY C 300 -4.76 -6.54 26.21
N THR C 301 -4.06 -7.56 26.68
CA THR C 301 -4.64 -8.47 27.68
C THR C 301 -4.82 -7.81 29.04
N ASP C 302 -4.29 -6.61 29.26
CA ASP C 302 -4.45 -5.91 30.52
C ASP C 302 -5.41 -4.73 30.42
N ILE C 303 -6.18 -4.65 29.33
CA ILE C 303 -7.11 -3.55 29.10
C ILE C 303 -8.50 -4.13 28.85
N ASN C 304 -9.50 -3.56 29.50
CA ASN C 304 -10.89 -3.91 29.20
C ASN C 304 -11.35 -3.28 27.89
N TYR C 305 -11.15 -1.98 27.74
CA TYR C 305 -11.51 -1.31 26.49
C TYR C 305 -10.84 0.07 26.47
N LEU C 306 -10.84 0.67 25.28
CA LEU C 306 -10.39 2.03 25.06
C LEU C 306 -11.52 2.81 24.39
N SER C 307 -11.48 4.13 24.50
CA SER C 307 -12.53 4.93 23.91
C SER C 307 -12.10 6.38 23.80
N GLN C 308 -12.83 7.11 22.97
CA GLN C 308 -12.88 8.56 22.99
C GLN C 308 -14.30 8.97 23.38
N ARG C 309 -14.41 9.86 24.35
CA ARG C 309 -15.69 10.17 24.99
C ARG C 309 -15.88 11.67 25.11
N THR C 310 -17.10 12.12 24.82
CA THR C 310 -17.48 13.51 25.01
C THR C 310 -18.14 13.69 26.38
N ALA C 311 -18.15 14.94 26.84
CA ALA C 311 -18.61 15.21 28.21
C ALA C 311 -20.06 14.79 28.42
N ASN C 312 -20.88 14.79 27.37
CA ASN C 312 -22.28 14.44 27.51
C ASN C 312 -22.50 12.94 27.63
N PHE C 313 -21.44 12.20 27.95
CA PHE C 313 -21.48 10.77 28.24
C PHE C 313 -21.53 9.90 27.00
N SER C 314 -21.38 10.46 25.81
CA SER C 314 -21.47 9.69 24.57
C SER C 314 -20.11 9.11 24.20
N ASP C 315 -20.09 7.83 23.87
CA ASP C 315 -18.88 7.14 23.41
C ASP C 315 -18.93 7.03 21.90
N THR C 316 -17.97 7.66 21.22
CA THR C 316 -17.93 7.59 19.76
C THR C 316 -17.24 6.33 19.26
N ARG C 317 -16.43 5.69 20.10
CA ARG C 317 -15.76 4.45 19.70
C ARG C 317 -15.21 3.70 20.91
N LYS C 318 -16.09 3.12 21.71
CA LYS C 318 -15.70 2.28 22.83
C LYS C 318 -15.51 0.86 22.32
N LEU C 319 -14.27 0.38 22.33
CA LEU C 319 -13.92 -0.86 21.65
C LEU C 319 -12.99 -1.69 22.54
N ASP C 320 -13.11 -3.01 22.40
CA ASP C 320 -12.14 -3.90 23.01
C ASP C 320 -10.79 -3.73 22.31
N PRO C 321 -9.69 -4.08 22.98
CA PRO C 321 -8.37 -3.80 22.41
C PRO C 321 -8.14 -4.41 21.04
N LYS C 322 -8.64 -5.63 20.80
CA LYS C 322 -8.46 -6.26 19.49
C LYS C 322 -9.13 -5.44 18.40
N THR C 323 -10.36 -4.99 18.64
CA THR C 323 -11.08 -4.20 17.64
C THR C 323 -10.42 -2.84 17.46
N TRP C 324 -9.92 -2.25 18.55
CA TRP C 324 -9.12 -1.04 18.43
C TRP C 324 -7.93 -1.26 17.52
N ALA C 325 -7.22 -2.38 17.72
CA ALA C 325 -6.07 -2.70 16.87
C ALA C 325 -6.49 -2.95 15.43
N ALA C 326 -7.70 -3.47 15.22
CA ALA C 326 -8.17 -3.71 13.85
C ALA C 326 -8.24 -2.41 13.06
N GLN C 327 -8.81 -1.36 13.67
CA GLN C 327 -8.85 -0.07 13.00
C GLN C 327 -7.44 0.43 12.70
N THR C 328 -6.50 0.21 13.62
CA THR C 328 -5.11 0.62 13.39
C THR C 328 -4.50 -0.17 12.23
N ARG C 329 -4.85 -1.44 12.10
CA ARG C 329 -4.34 -2.23 10.98
C ARG C 329 -4.81 -1.67 9.65
N ARG C 330 -5.98 -1.03 9.62
CA ARG C 330 -6.41 -0.34 8.41
CA ARG C 330 -6.41 -0.34 8.41
C ARG C 330 -5.63 0.94 8.16
N ARG C 331 -4.91 1.45 9.15
CA ARG C 331 -4.13 2.68 9.01
C ARG C 331 -2.67 2.44 8.65
N ILE C 332 -2.03 1.43 9.22
CA ILE C 332 -0.60 1.23 9.01
C ILE C 332 -0.26 -0.19 8.58
N ALA C 333 -1.29 -0.98 8.24
CA ALA C 333 -1.12 -2.31 7.67
C ALA C 333 -0.43 -3.28 8.63
N THR C 334 -0.44 -2.99 9.93
CA THR C 334 0.16 -3.86 10.94
C THR C 334 -0.22 -3.31 12.30
N ASP C 335 0.30 -3.96 13.35
CA ASP C 335 0.10 -3.51 14.72
C ASP C 335 1.29 -2.70 15.17
N PHE C 336 1.03 -1.66 15.97
CA PHE C 336 2.10 -1.04 16.73
C PHE C 336 2.62 -2.02 17.77
N PRO C 337 3.82 -1.78 18.29
CA PRO C 337 4.36 -2.70 19.31
C PRO C 337 3.45 -2.85 20.51
N LYS C 338 3.72 -3.89 21.30
CA LYS C 338 2.90 -4.21 22.46
C LYS C 338 2.67 -2.98 23.34
N GLY C 339 1.42 -2.80 23.76
CA GLY C 339 1.06 -1.75 24.68
C GLY C 339 0.88 -0.38 24.05
N VAL C 340 1.04 -0.26 22.73
CA VAL C 340 0.93 1.01 22.02
C VAL C 340 -0.40 1.02 21.28
N TYR C 341 -1.18 2.08 21.48
CA TYR C 341 -2.51 2.19 20.90
C TYR C 341 -2.61 3.51 20.15
N TYR C 342 -3.18 3.46 18.95
CA TYR C 342 -3.24 4.59 18.05
C TYR C 342 -4.69 4.94 17.75
N CYS C 343 -4.93 6.23 17.55
CA CYS C 343 -6.26 6.74 17.26
C CYS C 343 -6.14 7.85 16.22
N ASP C 344 -6.79 7.65 15.07
CA ASP C 344 -6.74 8.59 13.95
C ASP C 344 -7.96 9.50 13.99
N ASN C 345 -7.73 10.81 14.05
CA ASN C 345 -8.78 11.82 13.99
C ASN C 345 -8.49 12.87 12.95
N ARG C 346 -7.85 12.48 11.84
CA ARG C 346 -7.36 13.46 10.88
C ARG C 346 -8.49 14.11 10.10
N ASP C 347 -9.52 13.34 9.75
CA ASP C 347 -10.63 13.91 8.98
C ASP C 347 -11.47 14.84 9.84
N LYS C 348 -11.66 14.48 11.11
CA LYS C 348 -12.47 15.26 12.05
C LYS C 348 -11.67 15.43 13.33
N PRO C 349 -10.79 16.43 13.38
CA PRO C 349 -9.93 16.59 14.56
C PRO C 349 -10.74 16.87 15.82
N ILE C 350 -10.27 16.33 16.94
CA ILE C 350 -10.85 16.65 18.24
C ILE C 350 -10.60 18.14 18.49
N TYR C 351 -11.67 18.93 18.53
CA TYR C 351 -11.57 20.37 18.71
C TYR C 351 -12.71 20.82 19.61
N THR C 352 -12.38 21.18 20.85
CA THR C 352 -13.35 21.65 21.82
C THR C 352 -13.07 23.11 22.16
N LEU C 353 -14.13 23.82 22.55
CA LEU C 353 -13.98 25.19 23.02
C LEU C 353 -13.72 25.27 24.52
N GLN C 354 -14.15 24.27 25.28
CA GLN C 354 -13.98 24.23 26.73
C GLN C 354 -13.10 23.05 27.10
N TYR C 355 -12.06 23.31 27.89
CA TYR C 355 -11.15 22.26 28.33
C TYR C 355 -11.92 21.12 28.97
N GLY C 356 -11.55 19.89 28.60
CA GLY C 356 -12.13 18.71 29.19
C GLY C 356 -13.48 18.30 28.64
N ASN C 357 -13.91 18.89 27.52
CA ASN C 357 -15.15 18.45 26.89
C ASN C 357 -15.01 17.06 26.30
N VAL C 358 -13.82 16.71 25.82
N VAL C 358 -13.81 16.71 25.83
CA VAL C 358 -13.56 15.41 25.21
CA VAL C 358 -13.56 15.41 25.21
C VAL C 358 -12.36 14.77 25.91
C VAL C 358 -12.36 14.78 25.91
N GLY C 359 -12.41 13.45 26.06
CA GLY C 359 -11.34 12.73 26.72
C GLY C 359 -11.04 11.41 26.03
N PHE C 360 -9.82 10.94 26.25
CA PHE C 360 -9.38 9.62 25.84
C PHE C 360 -9.47 8.69 27.05
N VAL C 361 -10.09 7.53 26.86
CA VAL C 361 -10.45 6.65 27.97
C VAL C 361 -9.72 5.32 27.82
N VAL C 362 -9.12 4.87 28.91
CA VAL C 362 -8.60 3.51 29.05
C VAL C 362 -9.21 2.92 30.31
N ASN C 363 -9.86 1.77 30.18
CA ASN C 363 -10.36 1.02 31.33
C ASN C 363 -9.49 -0.21 31.50
N PRO C 364 -8.52 -0.20 32.42
CA PRO C 364 -7.64 -1.37 32.57
C PRO C 364 -8.27 -2.46 33.43
N LYS C 365 -7.85 -3.70 33.15
CA LYS C 365 -8.23 -4.82 33.99
C LYS C 365 -7.10 -5.28 34.91
N THR C 366 -5.86 -4.96 34.56
CA THR C 366 -4.69 -5.26 35.39
C THR C 366 -3.85 -4.00 35.50
N VAL C 367 -3.50 -3.62 36.73
CA VAL C 367 -2.71 -2.42 37.00
C VAL C 367 -1.58 -2.83 37.94
N ASN C 368 -0.37 -2.89 37.43
CA ASN C 368 0.81 -3.17 38.24
C ASN C 368 1.33 -1.87 38.87
N GLN C 369 2.28 -2.04 39.79
CA GLN C 369 2.87 -0.90 40.47
C GLN C 369 3.54 0.04 39.47
N ASN C 370 3.34 1.33 39.67
CA ASN C 370 3.93 2.38 38.84
C ASN C 370 3.38 2.36 37.41
N ALA C 371 2.15 1.88 37.25
CA ALA C 371 1.52 1.93 35.93
C ALA C 371 1.28 3.37 35.52
N ARG C 372 1.44 3.65 34.23
CA ARG C 372 1.18 4.98 33.72
C ARG C 372 0.85 4.88 32.24
N LEU C 373 0.24 5.96 31.74
CA LEU C 373 -0.18 6.08 30.35
C LEU C 373 0.65 7.19 29.73
N LEU C 374 1.54 6.83 28.82
CA LEU C 374 2.31 7.82 28.06
C LEU C 374 1.50 8.21 26.84
N MET C 375 1.13 9.49 26.76
CA MET C 375 0.31 10.02 25.69
C MET C 375 1.18 10.74 24.67
N GLY C 376 0.86 10.55 23.40
CA GLY C 376 1.48 11.30 22.33
C GLY C 376 0.42 11.96 21.46
N TYR C 377 0.56 13.25 21.18
CA TYR C 377 -0.46 14.02 20.50
C TYR C 377 0.09 14.65 19.24
N GLU C 378 -0.76 14.71 18.22
CA GLU C 378 -0.51 15.39 16.95
C GLU C 378 -1.64 16.40 16.81
N TYR C 379 -1.30 17.68 16.67
CA TYR C 379 -2.36 18.69 16.65
C TYR C 379 -1.96 19.93 15.89
N PHE C 380 -2.97 20.67 15.45
CA PHE C 380 -2.85 22.01 14.90
C PHE C 380 -3.23 23.03 15.96
N THR C 381 -2.65 24.23 15.86
CA THR C 381 -3.09 25.35 16.68
C THR C 381 -2.53 26.63 16.08
N SER C 382 -3.20 27.74 16.39
CA SER C 382 -2.82 29.04 15.84
C SER C 382 -1.83 29.74 16.76
N ARG C 383 -1.02 30.62 16.16
CA ARG C 383 -0.05 31.37 16.95
C ARG C 383 -0.73 32.42 17.83
N THR C 384 -1.86 32.94 17.39
CA THR C 384 -2.58 33.96 18.15
C THR C 384 -4.09 33.72 18.06
NA NA D . 18.51 -18.78 -36.74
C1 MPD E . 1.38 6.03 -8.32
C2 MPD E . 2.30 6.65 -9.36
O2 MPD E . 3.67 6.34 -9.03
CM MPD E . 2.21 8.18 -9.27
C3 MPD E . 2.03 6.11 -10.77
C4 MPD E . 0.94 6.78 -11.61
O4 MPD E . -0.20 7.16 -10.87
C5 MPD E . 1.46 8.02 -12.35
H11 MPD E . 0.35 6.13 -8.63
H12 MPD E . 1.53 6.52 -7.36
H13 MPD E . 1.63 4.97 -8.22
HO2 MPD E . 4.21 6.30 -9.85
HM1 MPD E . 2.88 8.62 -10.00
HM2 MPD E . 2.51 8.49 -8.26
HM3 MPD E . 1.19 8.50 -9.45
H31 MPD E . 1.76 5.06 -10.66
H32 MPD E . 2.96 6.17 -11.33
H4 MPD E . 0.64 6.02 -12.32
HO4 MPD E . -0.90 7.46 -11.48
H51 MPD E . 0.71 8.35 -13.07
H52 MPD E . 2.37 7.76 -12.87
H53 MPD E . 1.66 8.81 -11.64
C1 MPD F . 1.12 13.87 -14.82
C2 MPD F . 2.39 13.74 -13.97
O2 MPD F . 3.10 12.56 -14.42
CM MPD F . 2.02 13.53 -12.51
C3 MPD F . 3.31 14.94 -14.12
C4 MPD F . 3.29 15.56 -15.52
O4 MPD F . 2.16 16.37 -15.70
C5 MPD F . 4.55 16.40 -15.73
H11 MPD F . 0.68 14.85 -14.67
H12 MPD F . 0.39 13.10 -14.52
H13 MPD F . 1.37 13.72 -15.87
HO2 MPD F . 2.46 11.85 -14.64
HM1 MPD F . 2.92 13.59 -11.90
HM2 MPD F . 1.57 12.54 -12.38
HM3 MPD F . 1.31 14.29 -12.20
H31 MPD F . 4.33 14.63 -13.88
H32 MPD F . 3.02 15.70 -13.40
H4 MPD F . 3.26 14.73 -16.23
HO4 MPD F . 2.17 16.74 -16.62
H51 MPD F . 4.44 16.98 -16.65
H52 MPD F . 5.41 15.75 -15.81
H53 MPD F . 4.68 17.08 -14.89
C1 MPD G . -6.31 -17.66 -26.31
C2 MPD G . -6.16 -17.40 -24.81
O2 MPD G . -5.21 -16.31 -24.65
CM MPD G . -7.49 -16.97 -24.22
C3 MPD G . -5.66 -18.64 -24.08
C4 MPD G . -4.16 -18.85 -24.21
O4 MPD G . -3.44 -17.77 -23.65
C5 MPD G . -3.75 -20.14 -23.51
H11 MPD G . -6.89 -18.57 -26.46
H12 MPD G . -5.33 -17.76 -26.76
H13 MPD G . -6.83 -16.81 -26.77
HO2 MPD G . -4.42 -16.47 -25.20
HM1 MPD G . -7.45 -17.06 -23.14
HM2 MPD G . -8.29 -17.62 -24.61
HM3 MPD G . -7.70 -15.94 -24.50
H31 MPD G . -6.18 -19.52 -24.50
H32 MPD G . -5.93 -18.57 -23.03
H4 MPD G . -3.92 -18.89 -25.28
HO4 MPD G . -4.02 -16.99 -23.54
H51 MPD G . -2.66 -20.19 -23.45
H52 MPD G . -4.12 -21.00 -24.08
H53 MPD G . -4.17 -20.16 -22.51
C1 Z80 H . -1.77 -2.29 -16.80
N1 Z80 H . -2.88 -3.38 -17.35
S1 Z80 H . -0.45 -4.34 -15.76
C2 Z80 H . -0.67 -2.72 -16.08
N2 Z80 H . -7.35 -3.43 -18.03
C3 Z80 H . -1.70 -5.38 -16.10
C4 Z80 H . -2.79 -4.94 -16.84
C5 Z80 H . -0.99 -0.01 -16.60
C6 Z80 H . 0.11 -0.45 -15.88
C7 Z80 H . 0.27 -1.80 -15.62
C8 Z80 H . -1.62 -6.70 -15.66
C9 Z80 H . -2.65 -7.59 -15.95
C10 Z80 H . -3.75 -7.15 -16.68
C11 Z80 H . -3.82 -5.83 -17.12
C12 Z80 H . -4.23 -2.89 -17.15
C13 Z80 H . -4.99 -2.91 -18.48
C14 Z80 H . -6.40 -2.35 -18.30
C15 Z80 H . -7.76 -3.37 -16.65
C16 Z80 H . -8.53 -3.27 -18.88
CL1 Z80 H . -5.09 -8.27 -17.05
H1 Z80 H . -1.13 1.04 -16.80
H2 Z80 H . 0.84 0.27 -15.52
H3 Z80 H . -0.76 -7.04 -15.09
H4 Z80 H . -2.60 -8.61 -15.61
H5 Z80 H . -4.68 -5.50 -17.68
H6 Z80 H . -4.19 -1.88 -16.77
H7 Z80 H . -4.75 -3.53 -16.44
H8 Z80 H . -5.06 -3.93 -18.85
H9 Z80 H . -4.46 -2.29 -19.20
H10 Z80 H . -6.41 -1.66 -17.46
H11 Z80 H . -6.70 -1.84 -19.20
H12 Z80 H . -8.51 -4.14 -16.46
H13 Z80 H . -8.18 -2.40 -16.43
H14 Z80 H . -6.90 -3.55 -16.01
C17 Z80 H . -1.92 -0.92 -17.07
H15 Z80 H . -9.16 -4.15 -18.79
H16 Z80 H . -8.21 -3.15 -19.91
H17 Z80 H . -9.09 -2.39 -18.56
H18 Z80 H . 1.13 -2.14 -15.06
H20 Z80 H . -2.79 -0.58 -17.64
NA NA I . -18.09 -33.37 12.69
NA NA J . -1.85 -14.44 14.04
C1 MPD K . -20.22 4.92 -8.67
C2 MPD K . -18.83 4.33 -8.88
O2 MPD K . -18.90 2.88 -8.78
CM MPD K . -18.35 4.63 -10.30
C3 MPD K . -17.83 4.88 -7.88
C4 MPD K . -17.60 3.94 -6.69
O4 MPD K . -16.66 4.51 -5.81
C5 MPD K . -18.89 3.66 -5.94
H11 MPD K . -20.13 6.01 -8.60
H12 MPD K . -20.66 4.53 -7.76
H13 MPD K . -20.85 4.67 -9.53
HO2 MPD K . -18.00 2.50 -8.81
HM1 MPD K . -17.29 4.37 -10.38
HM2 MPD K . -18.47 5.70 -10.50
HM3 MPD K . -18.92 4.05 -11.02
H31 MPD K . -18.19 5.84 -7.50
H32 MPD K . -16.88 5.05 -8.38
H4 MPD K . -17.23 3.00 -7.08
HO4 MPD K . -16.66 4.02 -4.95
H51 MPD K . -18.66 3.23 -4.97
H52 MPD K . -19.51 2.97 -6.50
H53 MPD K . -19.44 4.59 -5.79
C1 MPD L . -41.45 -12.15 11.99
C2 MPD L . -40.05 -11.66 11.64
O2 MPD L . -39.31 -12.73 10.99
CM MPD L . -40.15 -10.52 10.64
C3 MPD L . -39.29 -11.21 12.89
C4 MPD L . -38.66 -12.39 13.61
O4 MPD L . -37.57 -12.88 12.85
C5 MPD L . -38.18 -12.04 15.01
H11 MPD L . -41.95 -11.41 12.61
H12 MPD L . -41.38 -13.08 12.55
H13 MPD L . -42.02 -12.30 11.08
HO2 MPD L . -38.36 -12.64 11.21
HM1 MPD L . -39.17 -10.05 10.52
HM2 MPD L . -40.86 -9.78 11.00
HM3 MPD L . -40.48 -10.90 9.68
H31 MPD L . -39.99 -10.70 13.56
H32 MPD L . -38.51 -10.50 12.61
H4 MPD L . -39.43 -13.17 13.71
HO4 MPD L . -37.15 -13.63 13.33
H51 MPD L . -37.59 -12.85 15.41
H52 MPD L . -39.03 -11.85 15.66
H53 MPD L . -37.56 -11.14 14.95
C1 MPD M . -15.21 -35.24 20.38
C2 MPD M . -16.05 -36.50 20.22
O2 MPD M . -17.45 -36.13 20.08
CM MPD M . -15.62 -37.23 18.95
C3 MPD M . -15.91 -37.45 21.40
C4 MPD M . -16.25 -36.80 22.73
O4 MPD M . -17.57 -36.31 22.73
C5 MPD M . -16.12 -37.79 23.89
H11 MPD M . -14.22 -35.52 20.76
H12 MPD M . -15.69 -34.57 21.09
H13 MPD M . -15.11 -34.75 19.42
HO2 MPD M . -17.94 -36.42 20.87
HM1 MPD M . -16.08 -38.21 18.93
HM2 MPD M . -14.53 -37.33 18.94
HM3 MPD M . -15.94 -36.65 18.08
H31 MPD M . -14.87 -37.81 21.44
H32 MPD M . -16.55 -38.32 21.25
H4 MPD M . -15.55 -35.97 22.88
HO4 MPD M . -17.83 -36.06 23.64
H51 MPD M . -16.57 -37.37 24.79
H52 MPD M . -15.06 -37.98 24.08
H53 MPD M . -16.61 -38.73 23.63
C1 MPD N . -29.24 -12.91 -8.91
C2 MPD N . -27.75 -12.69 -8.68
O2 MPD N . -27.44 -11.29 -8.77
CM MPD N . -27.36 -13.18 -7.29
C3 MPD N . -26.93 -13.46 -9.71
C4 MPD N . -27.06 -12.82 -11.09
O4 MPD N . -27.02 -11.42 -10.99
C5 MPD N . -25.92 -13.25 -12.03
H11 MPD N . -29.45 -13.98 -9.00
H12 MPD N . -29.55 -12.40 -9.82
H13 MPD N . -29.80 -12.51 -8.07
HO2 MPD N . -26.64 -11.16 -9.31
HM1 MPD N . -26.27 -13.18 -7.20
HM2 MPD N . -27.73 -14.19 -7.13
HM3 MPD N . -27.78 -12.51 -6.54
H31 MPD N . -27.27 -14.50 -9.76
H32 MPD N . -25.88 -13.47 -9.41
H4 MPD N . -28.01 -13.16 -11.50
HO4 MPD N . -26.21 -11.11 -11.44
H51 MPD N . -25.92 -12.61 -12.91
H52 MPD N . -26.06 -14.29 -12.32
H53 MPD N . -24.97 -13.15 -11.50
CL CL O . -25.32 -22.30 23.83
CL CL P . -9.83 -6.58 -11.94
C1 Z80 Q . -14.98 0.01 8.52
N1 Z80 Q . -14.96 0.47 10.09
S1 Z80 Q . -13.47 -2.06 9.20
C2 Z80 Q . -14.30 -1.14 8.10
N2 Z80 Q . -15.64 4.85 12.18
C3 Z80 Q . -13.37 -1.53 10.78
C4 Z80 Q . -14.05 -0.39 11.16
C5 Z80 Q . -15.70 0.38 6.22
C6 Z80 Q . -15.02 -0.77 5.82
C7 Z80 Q . -14.33 -1.53 6.76
C8 Z80 Q . -12.59 -2.24 11.69
C9 Z80 Q . -12.49 -1.80 13.00
C10 Z80 Q . -13.17 -0.64 13.39
C11 Z80 Q . -13.95 0.06 12.48
C12 Z80 Q . -14.52 1.86 10.18
C13 Z80 Q . -15.47 2.67 11.07
C14 Z80 Q . -14.74 3.93 11.51
C15 Z80 Q . -15.26 4.99 13.57
C16 Z80 Q . -15.60 6.15 11.53
CL1 Z80 Q . -13.05 -0.08 15.08
H1 Z80 Q . -16.23 0.97 5.50
H2 Z80 Q . -15.04 -1.07 4.78
H3 Z80 Q . -12.07 -3.13 11.37
H4 Z80 Q . -11.88 -2.34 13.72
H5 Z80 Q . -14.47 0.95 12.80
H6 Z80 Q . -14.51 2.29 9.19
H7 Z80 Q . -13.53 1.89 10.60
H8 Z80 Q . -15.75 2.08 11.93
H9 Z80 Q . -16.35 2.94 10.50
H10 Z80 Q . -13.95 3.67 12.19
H11 Z80 Q . -14.31 4.43 10.64
H12 Z80 Q . -15.91 5.71 14.06
H13 Z80 Q . -14.23 5.35 13.62
H14 Z80 Q . -15.34 4.03 14.07
C17 Z80 Q . -15.68 0.76 7.57
H15 Z80 Q . -16.37 6.79 11.94
H16 Z80 Q . -15.73 6.04 10.46
H17 Z80 Q . -14.62 6.61 11.72
H18 Z80 Q . -13.80 -2.42 6.45
H20 Z80 Q . -16.22 1.66 7.87
C1 MPD R . -3.70 10.83 5.20
C2 MPD R . -2.35 10.47 5.80
O2 MPD R . -2.25 9.03 5.85
CM MPD R . -2.25 10.98 7.23
C3 MPD R . -1.20 10.99 4.93
C4 MPD R . -1.00 12.50 4.99
O4 MPD R . 0.37 12.78 5.10
C5 MPD R . -1.56 13.21 3.76
H11 MPD R . -3.74 11.91 5.01
H12 MPD R . -4.49 10.55 5.88
H13 MPD R . -3.83 10.30 4.25
HO2 MPD R . -1.30 8.76 5.89
HM1 MPD R . -1.20 11.10 7.49
HM2 MPD R . -2.71 10.25 7.89
HM3 MPD R . -2.76 11.93 7.31
H31 MPD R . -1.38 10.70 3.90
H32 MPD R . -0.27 10.50 5.26
H4 MPD R . -1.54 12.87 5.86
HO4 MPD R . 0.51 13.74 4.93
H51 MPD R . -1.13 14.20 3.67
H52 MPD R . -2.65 13.29 3.85
H53 MPD R . -1.33 12.62 2.86
C1 Z80 S . 9.74 13.51 3.88
N1 Z80 S . 11.06 13.74 2.93
S1 Z80 S . 10.95 11.36 4.84
C2 Z80 S . 9.69 12.43 4.74
N2 Z80 S . 11.02 16.61 -1.03
C3 Z80 S . 12.21 11.53 3.76
C4 Z80 S . 12.25 12.61 2.90
C5 Z80 S . 7.54 14.19 4.63
C6 Z80 S . 7.50 13.10 5.50
C7 Z80 S . 8.57 12.22 5.56
C8 Z80 S . 13.21 10.56 3.73
C9 Z80 S . 14.27 10.68 2.84
C10 Z80 S . 14.31 11.78 1.97
C11 Z80 S . 13.31 12.74 2.01
C12 Z80 S . 10.65 14.00 1.56
C13 Z80 S . 11.34 15.26 1.01
C14 Z80 S . 11.22 15.27 -0.50
C15 Z80 S . 9.64 17.02 -0.85
C16 Z80 S . 11.31 16.62 -2.45
CL1 Z80 S . 15.65 11.97 0.81
H1 Z80 S . 6.70 14.88 4.58
H2 Z80 S . 6.62 12.95 6.13
H3 Z80 S . 13.18 9.72 4.40
H4 Z80 S . 15.05 9.94 2.80
H5 Z80 S . 13.35 13.59 1.33
H6 Z80 S . 9.58 14.12 1.52
H7 Z80 S . 10.94 13.15 0.94
H8 Z80 S . 12.37 15.26 1.30
H9 Z80 S . 10.84 16.14 1.42
H10 Z80 S . 12.13 14.85 -0.93
H11 Z80 S . 10.38 14.64 -0.79
H12 Z80 S . 9.50 18.00 -1.28
H13 Z80 S . 9.40 17.04 0.21
H14 Z80 S . 8.99 16.30 -1.35
C17 Z80 S . 8.66 14.39 3.84
H15 Z80 S . 10.99 17.56 -2.88
H16 Z80 S . 10.79 15.79 -2.93
H17 Z80 S . 12.38 16.50 -2.60
H18 Z80 S . 8.53 11.37 6.23
H20 Z80 S . 8.69 15.25 3.17
CL CL T . 32.74 13.04 22.26
NA NA U . 18.04 -4.61 8.16
C1 MPD V . 4.25 23.23 24.74
C2 MPD V . 4.95 23.68 23.46
O2 MPD V . 5.65 24.93 23.73
CM MPD V . 5.97 22.63 23.05
C3 MPD V . 3.98 23.91 22.30
C4 MPD V . 2.96 25.00 22.60
O4 MPD V . 3.58 26.25 22.78
C5 MPD V . 1.93 25.12 21.48
H11 MPD V . 3.51 22.47 24.49
H12 MPD V . 3.75 24.08 25.20
H13 MPD V . 4.99 22.83 25.44
HO2 MPD V . 5.32 25.63 23.14
HM1 MPD V . 6.34 22.85 22.05
HM2 MPD V . 5.51 21.65 23.06
HM3 MPD V . 6.81 22.64 23.75
H31 MPD V . 3.46 22.98 22.08
H32 MPD V . 4.55 24.18 21.42
H4 MPD V . 2.45 24.71 23.52
HO4 MPD V . 2.91 26.92 22.99
H51 MPD V . 1.34 26.03 21.62
H52 MPD V . 1.27 24.25 21.49
H53 MPD V . 2.45 25.17 20.51
C1 MPD W . -7.12 19.64 7.08
C2 MPD W . -7.39 18.23 7.61
O2 MPD W . -7.01 18.18 9.01
CM MPD W . -8.88 17.92 7.51
C3 MPD W . -6.62 17.19 6.83
C4 MPD W . -5.11 17.39 6.93
O4 MPD W . -4.69 17.27 8.26
C5 MPD W . -4.39 16.38 6.04
H11 MPD W . -7.10 19.62 5.99
H12 MPD W . -6.16 19.99 7.46
H13 MPD W . -7.91 20.32 7.43
HO2 MPD W . -6.33 17.48 9.14
HM1 MPD W . -9.04 16.86 7.72
HM2 MPD W . -9.23 18.15 6.51
HM3 MPD W . -9.43 18.52 8.23
H31 MPD W . -6.92 17.23 5.78
H32 MPD W . -6.87 16.20 7.21
H4 MPD W . -4.86 18.40 6.59
HO4 MPD W . -3.81 16.85 8.30
H51 MPD W . -3.38 16.75 5.83
H52 MPD W . -4.93 16.27 5.10
H53 MPD W . -4.34 15.43 6.55
NA NA X . 24.85 1.90 32.23
#